data_8UWZ
#
_entry.id   8UWZ
#
_cell.length_a   167.747
_cell.length_b   167.747
_cell.length_c   42.501
_cell.angle_alpha   90.000
_cell.angle_beta   90.000
_cell.angle_gamma   120.000
#
_symmetry.space_group_name_H-M   'P 31'
#
loop_
_entity.id
_entity.type
_entity.pdbx_description
1 polymer 'Raamsizumab heavy chain'
2 polymer 'Raamsizumab light chain S1C variant'
3 polymer 'Isoform VEGF121 of Vascular endothelial growth factor A, long form'
4 branched 2-acetamido-2-deoxy-beta-D-glucopyranose-(1-4)-2-acetamido-2-deoxy-beta-D-glucopyranose
5 branched beta-D-mannopyranose-(1-4)-2-acetamido-2-deoxy-beta-D-glucopyranose-(1-4)-2-acetamido-2-deoxy-beta-D-glucopyranose
#
loop_
_entity_poly.entity_id
_entity_poly.type
_entity_poly.pdbx_seq_one_letter_code
_entity_poly.pdbx_strand_id
1 'polypeptide(L)'
;EVQLVESGGGLVQPGGSLRLSCAASGFDLWYYSIHWVRQAPGKGLEWVAYIYPSYGYTYYADSVKGRFTISADTSKNTAY
LQMNSLRAEDTAVYYCARHAWYYGWGLDYWGQGTLVTVSSASTKGPSVFPLAPSSKSTSGGTAALGCLVKDYFPEPVTVS
WNSGALTSGVHTFPAVLQSSGLYSLSSVVTVPSSSLGTQTYICNVNHKPSNTKVDKKVEPKSCDKTHT
;
C,A
2 'polypeptide(L)'
;DIQMTQSPSSLSASVGDRVTITCRASQAAYGRVAWYQQKPGKAPKLLIYKASELYAGVPSRFSGSRSGTDFTLTISSLQP
EDFATYYCQQRGWYLFTFGQGTKVEIKRTVAAPSVFIFPPSDEQLKSGTASVVCLLNNFYPREAKVSWYVDNALQSGNSQ
ESVTEQDSKDSTYSLSSTLTLSKADYEKHKVYACEVTQGTTSVTKSFNRGEC
;
D,B
3 'polypeptide(L)'
;APMAEGGGQNHHEVVKFMDVYQRSYCHPIETLVDIFQEYPDEIEYIFKPSCVPLMRCGGCCNDEGLECVPTEESNITMQI
MRIKPHQGQHIGEMSFLQHNKCECRPKKDRARQENCDKPRR
;
E,F
#
loop_
_chem_comp.id
_chem_comp.type
_chem_comp.name
_chem_comp.formula
BMA D-saccharide, beta linking beta-D-mannopyranose 'C6 H12 O6'
NAG D-saccharide, beta linking 2-acetamido-2-deoxy-beta-D-glucopyranose 'C8 H15 N O6'
#
# COMPACT_ATOMS: atom_id res chain seq x y z
N GLU A 1 13.09 -21.02 -9.24
CA GLU A 1 12.39 -20.51 -8.06
C GLU A 1 12.56 -19.00 -7.94
N VAL A 2 13.42 -18.59 -7.02
CA VAL A 2 13.63 -17.17 -6.75
C VAL A 2 14.27 -16.51 -7.97
N GLN A 3 13.65 -15.43 -8.44
CA GLN A 3 14.16 -14.67 -9.57
C GLN A 3 14.12 -13.18 -9.26
N LEU A 4 15.14 -12.46 -9.75
CA LEU A 4 15.17 -11.01 -9.74
C LEU A 4 15.16 -10.51 -11.19
N VAL A 5 14.33 -9.51 -11.45
CA VAL A 5 14.15 -8.96 -12.79
C VAL A 5 14.36 -7.46 -12.71
N GLU A 6 15.17 -6.92 -13.61
CA GLU A 6 15.53 -5.50 -13.59
C GLU A 6 14.95 -4.78 -14.80
N SER A 7 14.74 -3.47 -14.63
CA SER A 7 14.29 -2.62 -15.73
C SER A 7 14.60 -1.17 -15.38
N GLY A 8 14.28 -0.27 -16.31
CA GLY A 8 14.54 1.14 -16.17
C GLY A 8 15.79 1.62 -16.88
N GLY A 9 16.60 0.71 -17.42
CA GLY A 9 17.84 1.10 -18.05
C GLY A 9 17.64 1.89 -19.34
N GLY A 10 18.65 2.67 -19.67
CA GLY A 10 18.58 3.50 -20.86
C GLY A 10 19.62 4.59 -20.84
N LEU A 11 19.31 5.66 -21.59
CA LEU A 11 20.17 6.82 -21.72
C LEU A 11 19.51 7.99 -21.01
N VAL A 12 20.32 8.82 -20.36
CA VAL A 12 19.86 10.03 -19.68
C VAL A 12 20.94 11.08 -19.83
N GLN A 13 20.56 12.29 -20.21
CA GLN A 13 21.53 13.37 -20.32
C GLN A 13 22.01 13.79 -18.93
N PRO A 14 23.26 14.22 -18.82
CA PRO A 14 23.76 14.70 -17.53
C PRO A 14 22.80 15.69 -16.87
N GLY A 15 22.42 15.39 -15.64
CA GLY A 15 21.45 16.18 -14.91
C GLY A 15 20.07 15.59 -14.86
N GLY A 16 19.78 14.59 -15.70
CA GLY A 16 18.44 14.04 -15.80
C GLY A 16 18.17 12.99 -14.76
N SER A 17 17.04 12.30 -14.94
CA SER A 17 16.53 11.37 -13.95
C SER A 17 16.13 10.06 -14.62
N LEU A 18 15.95 9.03 -13.79
CA LEU A 18 15.57 7.70 -14.26
C LEU A 18 15.28 6.81 -13.06
N ARG A 19 14.27 5.95 -13.13
CA ARG A 19 13.98 5.04 -12.03
C ARG A 19 14.21 3.60 -12.49
N LEU A 20 15.04 2.89 -11.75
CA LEU A 20 15.18 1.46 -11.98
C LEU A 20 14.15 0.69 -11.19
N SER A 21 13.81 -0.49 -11.70
CA SER A 21 12.79 -1.35 -11.13
C SER A 21 13.40 -2.74 -10.97
N CYS A 22 13.20 -3.34 -9.80
CA CYS A 22 13.69 -4.67 -9.49
C CYS A 22 12.53 -5.48 -8.93
N ALA A 23 11.91 -6.30 -9.76
CA ALA A 23 10.82 -7.15 -9.30
C ALA A 23 11.34 -8.51 -8.89
N ALA A 24 10.68 -9.09 -7.89
CA ALA A 24 11.16 -10.28 -7.22
C ALA A 24 10.10 -11.37 -7.27
N SER A 25 10.55 -12.62 -7.39
CA SER A 25 9.66 -13.76 -7.59
C SER A 25 9.93 -14.85 -6.55
N GLY A 26 8.85 -15.51 -6.11
CA GLY A 26 9.00 -16.61 -5.17
C GLY A 26 9.56 -16.19 -3.84
N PHE A 27 9.49 -14.89 -3.55
CA PHE A 27 10.26 -14.31 -2.46
C PHE A 27 9.78 -12.88 -2.17
N ASP A 28 9.33 -12.62 -0.95
CA ASP A 28 8.82 -11.30 -0.61
C ASP A 28 9.94 -10.35 -0.26
N LEU A 29 9.84 -9.11 -0.77
CA LEU A 29 10.83 -8.10 -0.40
C LEU A 29 10.69 -7.70 1.05
N TRP A 30 9.46 -7.72 1.57
CA TRP A 30 9.18 -7.19 2.89
C TRP A 30 10.11 -7.77 3.94
N TYR A 31 10.21 -9.10 4.02
CA TYR A 31 11.06 -9.74 5.01
C TYR A 31 12.49 -9.94 4.53
N TYR A 32 13.03 -9.08 3.67
CA TYR A 32 14.34 -9.36 3.08
C TYR A 32 15.04 -8.05 2.76
N SER A 33 16.06 -8.12 1.91
CA SER A 33 16.95 -7.00 1.63
C SER A 33 17.18 -6.90 0.13
N ILE A 34 17.00 -5.71 -0.43
CA ILE A 34 17.33 -5.49 -1.83
C ILE A 34 18.43 -4.45 -1.93
N HIS A 35 19.51 -4.81 -2.64
CA HIS A 35 20.59 -3.88 -2.89
C HIS A 35 20.68 -3.55 -4.37
N TRP A 36 21.27 -2.39 -4.61
CA TRP A 36 21.68 -1.97 -5.94
C TRP A 36 23.20 -1.90 -5.87
N VAL A 37 23.84 -2.64 -6.76
CA VAL A 37 25.28 -2.70 -6.93
C VAL A 37 25.60 -2.34 -8.36
N ARG A 38 26.34 -1.27 -8.57
CA ARG A 38 26.68 -0.86 -9.92
C ARG A 38 28.10 -1.28 -10.25
N GLN A 39 28.28 -1.76 -11.47
CA GLN A 39 29.58 -2.15 -12.01
C GLN A 39 29.88 -1.13 -13.10
N ALA A 40 30.84 -0.25 -12.82
CA ALA A 40 31.27 0.76 -13.75
C ALA A 40 32.03 0.13 -14.92
N PRO A 41 32.08 0.83 -16.06
CA PRO A 41 32.74 0.28 -17.26
C PRO A 41 34.13 -0.28 -17.01
N GLY A 42 34.26 -1.59 -17.18
CA GLY A 42 35.53 -2.26 -17.03
C GLY A 42 36.12 -2.24 -15.65
N LYS A 43 35.37 -1.78 -14.65
CA LYS A 43 35.82 -1.66 -13.28
C LYS A 43 35.09 -2.66 -12.40
N GLY A 44 35.40 -2.62 -11.10
CA GLY A 44 34.81 -3.54 -10.16
C GLY A 44 33.39 -3.16 -9.78
N LEU A 45 32.84 -3.95 -8.86
CA LEU A 45 31.49 -3.70 -8.38
C LEU A 45 31.51 -2.58 -7.34
N GLU A 46 30.34 -1.96 -7.18
CA GLU A 46 30.16 -0.82 -6.29
C GLU A 46 28.78 -0.94 -5.69
N TRP A 47 28.70 -1.14 -4.37
CA TRP A 47 27.41 -1.13 -3.69
C TRP A 47 26.82 0.27 -3.79
N VAL A 48 25.64 0.36 -4.40
CA VAL A 48 24.97 1.65 -4.57
C VAL A 48 24.17 1.93 -3.32
N ALA A 49 23.24 1.03 -3.00
CA ALA A 49 22.35 1.30 -1.88
C ALA A 49 21.68 0.00 -1.45
N TYR A 50 20.93 0.10 -0.36
CA TYR A 50 20.10 -1.02 0.05
C TYR A 50 18.82 -0.51 0.68
N ILE A 51 17.82 -1.37 0.69
CA ILE A 51 16.61 -1.12 1.46
C ILE A 51 16.23 -2.43 2.14
N TYR A 52 15.84 -2.32 3.40
CA TYR A 52 15.47 -3.46 4.25
C TYR A 52 14.04 -3.22 4.72
N PRO A 53 13.03 -3.62 3.93
CA PRO A 53 11.64 -3.22 4.17
C PRO A 53 11.15 -3.38 5.61
N SER A 54 11.25 -4.58 6.17
CA SER A 54 10.70 -4.80 7.50
C SER A 54 11.49 -4.12 8.61
N TYR A 55 12.55 -3.39 8.29
CA TYR A 55 13.40 -2.71 9.26
C TYR A 55 13.37 -1.21 9.14
N GLY A 56 12.97 -0.67 7.98
CA GLY A 56 13.06 0.75 7.77
C GLY A 56 14.48 1.22 7.54
N TYR A 57 15.27 0.48 6.77
CA TYR A 57 16.67 0.80 6.54
C TYR A 57 16.83 1.22 5.10
N THR A 58 17.28 2.45 4.89
CA THR A 58 17.59 3.03 3.59
C THR A 58 18.94 3.68 3.80
N TYR A 59 19.99 2.92 3.53
CA TYR A 59 21.35 3.46 3.55
C TYR A 59 21.87 3.38 2.12
N TYR A 60 22.46 4.48 1.67
CA TYR A 60 23.01 4.59 0.34
C TYR A 60 24.50 4.86 0.48
N ALA A 61 25.24 4.61 -0.59
CA ALA A 61 26.63 4.98 -0.56
C ALA A 61 26.75 6.50 -0.61
N ASP A 62 27.91 7.01 -0.21
CA ASP A 62 28.08 8.45 -0.12
C ASP A 62 28.10 9.13 -1.49
N SER A 63 28.58 8.45 -2.54
CA SER A 63 28.65 9.10 -3.85
C SER A 63 27.28 9.50 -4.36
N VAL A 64 26.26 8.69 -4.11
CA VAL A 64 24.92 8.98 -4.59
C VAL A 64 24.01 9.51 -3.51
N LYS A 65 24.51 9.70 -2.30
CA LYS A 65 23.64 10.10 -1.20
C LYS A 65 22.98 11.43 -1.52
N GLY A 66 21.67 11.49 -1.33
CA GLY A 66 20.90 12.66 -1.74
C GLY A 66 20.49 12.64 -3.20
N ARG A 67 21.41 12.32 -4.10
CA ARG A 67 21.04 12.21 -5.51
C ARG A 67 20.08 11.06 -5.74
N PHE A 68 20.33 9.91 -5.14
CA PHE A 68 19.52 8.73 -5.36
C PHE A 68 18.64 8.47 -4.15
N THR A 69 17.59 7.68 -4.39
CA THR A 69 16.76 7.22 -3.30
C THR A 69 16.26 5.83 -3.64
N ILE A 70 16.47 4.90 -2.72
CA ILE A 70 15.97 3.54 -2.87
C ILE A 70 14.62 3.48 -2.17
N SER A 71 13.76 2.59 -2.66
CA SER A 71 12.39 2.50 -2.19
C SER A 71 11.83 1.16 -2.62
N ALA A 72 10.62 0.88 -2.17
CA ALA A 72 9.99 -0.39 -2.50
C ALA A 72 8.49 -0.23 -2.46
N ASP A 73 7.81 -0.88 -3.40
CA ASP A 73 6.37 -0.96 -3.42
C ASP A 73 6.06 -2.41 -3.11
N THR A 74 5.48 -2.62 -1.91
CA THR A 74 5.22 -3.95 -1.39
C THR A 74 4.25 -4.71 -2.27
N SER A 75 3.22 -4.04 -2.76
CA SER A 75 2.16 -4.70 -3.52
C SER A 75 2.70 -5.33 -4.79
N LYS A 76 3.57 -4.61 -5.50
CA LYS A 76 4.15 -5.08 -6.75
C LYS A 76 5.43 -5.88 -6.55
N ASN A 77 5.80 -6.13 -5.29
CA ASN A 77 7.02 -6.89 -4.99
C ASN A 77 8.22 -6.26 -5.68
N THR A 78 8.34 -4.94 -5.60
CA THR A 78 9.30 -4.30 -6.49
C THR A 78 10.07 -3.21 -5.76
N ALA A 79 11.38 -3.21 -5.97
CA ALA A 79 12.22 -2.15 -5.47
C ALA A 79 12.46 -1.15 -6.59
N TYR A 80 12.70 0.09 -6.22
CA TYR A 80 12.99 1.13 -7.21
C TYR A 80 14.17 1.95 -6.73
N LEU A 81 15.05 2.25 -7.66
CA LEU A 81 16.17 3.15 -7.41
C LEU A 81 15.91 4.37 -8.27
N GLN A 82 15.36 5.42 -7.66
CA GLN A 82 15.07 6.65 -8.37
C GLN A 82 16.33 7.52 -8.33
N MET A 83 16.96 7.66 -9.50
CA MET A 83 18.10 8.53 -9.71
C MET A 83 17.61 9.87 -10.23
N ASN A 84 18.09 10.96 -9.63
CA ASN A 84 17.57 12.28 -9.95
C ASN A 84 18.59 13.23 -10.55
N SER A 85 19.88 13.07 -10.25
CA SER A 85 20.91 13.97 -10.74
C SER A 85 22.04 13.18 -11.41
N LEU A 86 21.69 12.41 -12.44
CA LEU A 86 22.65 11.51 -13.04
C LEU A 86 23.82 12.30 -13.63
N ARG A 87 25.01 12.04 -13.07
CA ARG A 87 26.25 12.59 -13.56
C ARG A 87 27.02 11.51 -14.31
N ALA A 88 28.11 11.91 -14.97
CA ALA A 88 28.86 11.01 -15.84
C ALA A 88 29.22 9.72 -15.12
N GLU A 89 29.83 9.84 -13.94
CA GLU A 89 30.28 8.68 -13.17
C GLU A 89 29.17 7.68 -12.89
N ASP A 90 27.91 8.12 -12.89
CA ASP A 90 26.80 7.20 -12.64
C ASP A 90 26.66 6.13 -13.72
N THR A 91 27.24 6.35 -14.90
CA THR A 91 27.21 5.36 -15.96
C THR A 91 27.68 4.02 -15.43
N ALA A 92 26.83 3.01 -15.55
CA ALA A 92 27.20 1.71 -15.00
C ALA A 92 26.11 0.71 -15.35
N VAL A 93 26.43 -0.57 -15.15
CA VAL A 93 25.39 -1.58 -15.08
C VAL A 93 24.95 -1.70 -13.63
N TYR A 94 23.65 -1.62 -13.41
CA TYR A 94 23.10 -1.60 -12.07
C TYR A 94 22.43 -2.95 -11.87
N TYR A 95 22.82 -3.62 -10.79
CA TYR A 95 22.32 -4.92 -10.37
C TYR A 95 21.49 -4.74 -9.11
N CYS A 96 20.47 -5.56 -8.98
CA CYS A 96 19.72 -5.65 -7.75
C CYS A 96 19.87 -7.07 -7.24
N ALA A 97 19.93 -7.21 -5.92
CA ALA A 97 20.22 -8.54 -5.38
C ALA A 97 19.53 -8.70 -4.04
N ARG A 98 19.37 -9.96 -3.63
CA ARG A 98 18.75 -10.28 -2.35
C ARG A 98 19.84 -10.60 -1.34
N HIS A 99 19.66 -10.11 -0.12
CA HIS A 99 20.51 -10.45 1.01
C HIS A 99 19.64 -11.20 2.01
N ALA A 100 19.82 -12.51 2.06
CA ALA A 100 19.09 -13.34 3.00
C ALA A 100 19.99 -13.63 4.20
N TRP A 101 19.38 -13.67 5.39
CA TRP A 101 20.20 -13.88 6.58
C TRP A 101 20.75 -15.29 6.63
N TYR A 102 20.07 -16.26 6.03
CA TYR A 102 20.56 -17.62 6.04
C TYR A 102 21.94 -17.72 5.39
N TYR A 103 22.25 -16.84 4.45
CA TYR A 103 23.58 -16.78 3.84
C TYR A 103 24.43 -15.70 4.48
N GLY A 104 24.03 -15.19 5.63
CA GLY A 104 24.81 -14.18 6.32
C GLY A 104 24.77 -12.86 5.57
N TRP A 105 25.78 -12.03 5.81
CA TRP A 105 25.94 -10.79 5.07
C TRP A 105 26.42 -11.07 3.65
N GLY A 106 25.50 -11.16 2.72
CA GLY A 106 25.85 -11.61 1.39
C GLY A 106 24.71 -11.53 0.43
N LEU A 107 25.03 -11.36 -0.84
CA LEU A 107 24.03 -11.15 -1.89
C LEU A 107 23.89 -12.46 -2.65
N ASP A 108 22.85 -13.21 -2.30
CA ASP A 108 22.41 -14.41 -3.01
C ASP A 108 21.64 -13.87 -4.19
N TYR A 109 20.66 -14.62 -4.71
CA TYR A 109 20.13 -14.41 -6.05
C TYR A 109 20.29 -12.97 -6.49
N TRP A 110 21.00 -12.81 -7.60
CA TRP A 110 21.37 -11.50 -8.12
C TRP A 110 20.43 -11.11 -9.24
N GLY A 111 20.56 -9.87 -9.68
CA GLY A 111 19.78 -9.40 -10.80
C GLY A 111 20.35 -9.92 -12.11
N GLN A 112 19.94 -9.27 -13.18
CA GLN A 112 20.42 -9.63 -14.51
C GLN A 112 21.39 -8.61 -15.07
N GLY A 113 21.17 -7.33 -14.78
CA GLY A 113 22.01 -6.26 -15.24
C GLY A 113 21.26 -5.28 -16.12
N THR A 114 21.13 -4.02 -15.69
CA THR A 114 20.50 -3.00 -16.51
C THR A 114 21.46 -1.84 -16.71
N LEU A 115 21.65 -1.45 -17.98
CA LEU A 115 22.70 -0.49 -18.33
C LEU A 115 22.14 0.93 -18.29
N VAL A 116 22.88 1.82 -17.64
CA VAL A 116 22.52 3.23 -17.54
C VAL A 116 23.68 4.06 -18.09
N THR A 117 23.39 4.85 -19.11
CA THR A 117 24.37 5.70 -19.77
C THR A 117 23.97 7.16 -19.57
N VAL A 118 24.88 7.94 -19.01
CA VAL A 118 24.67 9.37 -18.76
C VAL A 118 25.41 10.11 -19.85
N SER A 119 24.70 10.45 -20.93
CA SER A 119 25.31 11.20 -22.02
C SER A 119 24.25 12.10 -22.66
N SER A 120 24.68 13.28 -23.09
CA SER A 120 23.77 14.22 -23.72
C SER A 120 23.60 13.96 -25.21
N ALA A 121 24.35 12.99 -25.75
CA ALA A 121 24.18 12.60 -27.13
C ALA A 121 22.84 11.89 -27.31
N SER A 122 22.44 11.72 -28.56
CA SER A 122 21.14 11.17 -28.88
C SER A 122 21.28 9.71 -29.33
N THR A 123 20.24 8.93 -29.06
CA THR A 123 20.21 7.52 -29.42
C THR A 123 20.37 7.34 -30.93
N LYS A 124 21.25 6.43 -31.32
CA LYS A 124 21.47 6.09 -32.72
C LYS A 124 21.22 4.61 -32.94
N GLY A 125 20.36 4.29 -33.91
CA GLY A 125 20.11 2.92 -34.29
C GLY A 125 21.28 2.29 -35.03
N PRO A 126 21.38 0.97 -34.96
CA PRO A 126 22.49 0.25 -35.58
C PRO A 126 22.21 -0.11 -37.04
N SER A 127 23.26 -0.62 -37.70
CA SER A 127 23.13 -1.25 -39.00
C SER A 127 23.83 -2.60 -38.99
N VAL A 128 23.27 -3.57 -39.69
CA VAL A 128 23.78 -4.93 -39.71
C VAL A 128 24.15 -5.29 -41.14
N PHE A 129 25.43 -5.56 -41.37
CA PHE A 129 25.81 -6.05 -42.68
C PHE A 129 26.22 -7.52 -42.62
N PRO A 130 25.90 -8.29 -43.67
CA PRO A 130 26.30 -9.69 -43.69
C PRO A 130 27.80 -9.80 -43.84
N LEU A 131 28.35 -10.87 -43.28
CA LEU A 131 29.74 -11.25 -43.48
C LEU A 131 29.68 -12.62 -44.14
N ALA A 132 29.58 -12.59 -45.46
CA ALA A 132 29.28 -13.78 -46.24
C ALA A 132 30.43 -14.78 -46.17
N PRO A 133 30.14 -16.08 -46.01
CA PRO A 133 31.19 -17.10 -46.04
C PRO A 133 31.68 -17.33 -47.46
N SER A 135 35.88 -17.91 -50.16
CA SER A 135 36.90 -18.89 -50.50
C SER A 135 37.86 -19.09 -49.33
N LYS A 136 38.06 -18.06 -48.52
CA LYS A 136 38.88 -18.21 -47.33
C LYS A 136 38.18 -19.07 -46.29
N SER A 137 36.88 -18.86 -46.11
CA SER A 137 36.11 -19.73 -45.23
C SER A 137 35.88 -21.11 -45.84
N THR A 138 36.14 -21.27 -47.14
CA THR A 138 36.06 -22.57 -47.80
C THR A 138 37.20 -23.50 -47.36
N SER A 139 38.03 -23.06 -46.43
CA SER A 139 39.08 -23.90 -45.86
C SER A 139 38.59 -24.62 -44.61
N THR A 142 35.03 -26.11 -43.11
CA THR A 142 34.35 -25.26 -42.14
C THR A 142 34.52 -23.78 -42.47
N ALA A 143 33.41 -23.05 -42.49
CA ALA A 143 33.41 -21.64 -42.86
C ALA A 143 33.27 -20.73 -41.64
N LEU A 145 30.92 -17.40 -41.48
CA LEU A 145 30.06 -16.24 -41.71
C LEU A 145 29.72 -15.51 -40.43
N GLY A 146 29.38 -14.23 -40.57
CA GLY A 146 29.04 -13.46 -39.40
C GLY A 146 28.17 -12.25 -39.72
N CYS A 147 28.00 -11.40 -38.72
CA CYS A 147 27.23 -10.17 -38.82
C CYS A 147 28.06 -9.04 -38.26
N LEU A 148 27.85 -7.85 -38.79
CA LEU A 148 28.52 -6.65 -38.32
C LEU A 148 27.46 -5.64 -37.88
N VAL A 149 27.46 -5.29 -36.60
CA VAL A 149 26.55 -4.29 -36.06
C VAL A 149 27.35 -3.00 -35.85
N LYS A 150 27.10 -2.03 -36.71
CA LYS A 150 27.88 -0.81 -36.82
C LYS A 150 27.03 0.41 -36.52
N ASP A 151 27.66 1.43 -35.96
CA ASP A 151 27.06 2.75 -35.76
C ASP A 151 25.79 2.68 -34.91
N TYR A 152 25.96 2.27 -33.66
CA TYR A 152 24.87 2.26 -32.69
C TYR A 152 25.30 2.96 -31.41
N PHE A 153 24.32 3.54 -30.71
CA PHE A 153 24.51 4.25 -29.45
C PHE A 153 23.17 4.31 -28.75
N PRO A 154 23.11 4.13 -27.44
CA PRO A 154 24.21 3.75 -26.55
C PRO A 154 24.27 2.24 -26.42
N GLU A 155 25.19 1.70 -25.61
CA GLU A 155 25.17 0.28 -25.36
C GLU A 155 23.89 -0.08 -24.60
N PRO A 156 23.43 -1.34 -24.69
CA PRO A 156 24.00 -2.50 -25.37
C PRO A 156 23.30 -2.90 -26.67
N VAL A 157 23.91 -3.84 -27.40
CA VAL A 157 23.30 -4.49 -28.55
C VAL A 157 23.45 -5.99 -28.38
N THR A 158 22.37 -6.73 -28.58
CA THR A 158 22.40 -8.19 -28.51
C THR A 158 22.30 -8.77 -29.91
N VAL A 159 23.15 -9.73 -30.25
CA VAL A 159 23.12 -10.34 -31.58
C VAL A 159 23.10 -11.86 -31.37
N SER A 160 21.91 -12.44 -31.40
CA SER A 160 21.75 -13.88 -31.43
C SER A 160 21.87 -14.36 -32.87
N TRP A 161 21.86 -15.67 -33.05
CA TRP A 161 21.93 -16.25 -34.39
C TRP A 161 20.80 -17.26 -34.53
N ASN A 162 19.99 -17.08 -35.57
CA ASN A 162 18.89 -18.00 -35.92
C ASN A 162 17.89 -18.14 -34.77
N SER A 163 17.48 -17.01 -34.22
CA SER A 163 16.48 -16.94 -33.14
C SER A 163 16.84 -17.85 -31.97
N GLY A 164 18.07 -17.70 -31.49
CA GLY A 164 18.55 -18.43 -30.35
C GLY A 164 19.10 -19.80 -30.68
N ALA A 165 18.69 -20.39 -31.80
CA ALA A 165 19.08 -21.75 -32.12
C ALA A 165 20.58 -21.84 -32.41
N LEU A 166 21.08 -20.97 -33.28
CA LEU A 166 22.50 -21.00 -33.66
C LEU A 166 23.32 -20.42 -32.51
N THR A 167 23.90 -21.31 -31.70
CA THR A 167 24.70 -20.89 -30.55
C THR A 167 26.05 -21.57 -30.50
N SER A 168 26.15 -22.85 -30.90
CA SER A 168 27.42 -23.55 -30.85
C SER A 168 28.43 -22.86 -31.74
N GLY A 169 29.59 -22.50 -31.18
CA GLY A 169 30.60 -21.86 -31.99
C GLY A 169 30.32 -20.40 -32.29
N VAL A 170 29.56 -19.71 -31.45
CA VAL A 170 29.31 -18.29 -31.63
C VAL A 170 30.34 -17.51 -30.83
N HIS A 171 30.96 -16.52 -31.48
CA HIS A 171 32.03 -15.69 -30.90
C HIS A 171 31.68 -14.22 -31.10
N THR A 172 30.58 -13.79 -30.49
CA THR A 172 30.18 -12.39 -30.52
C THR A 172 31.24 -11.47 -29.90
N PHE A 173 31.90 -10.69 -30.74
CA PHE A 173 32.98 -9.84 -30.27
C PHE A 173 32.43 -8.68 -29.44
N PRO A 174 33.24 -8.15 -28.52
CA PRO A 174 32.83 -6.96 -27.77
C PRO A 174 32.66 -5.76 -28.68
N ALA A 175 32.13 -4.68 -28.11
CA ALA A 175 31.91 -3.48 -28.89
C ALA A 175 33.20 -2.67 -28.99
N VAL A 176 33.25 -1.82 -30.01
CA VAL A 176 34.36 -0.89 -30.21
C VAL A 176 33.81 0.52 -30.24
N LEU A 177 34.52 1.44 -29.60
CA LEU A 177 34.17 2.86 -29.67
C LEU A 177 34.74 3.41 -30.96
N GLN A 178 33.91 3.41 -32.01
CA GLN A 178 34.34 3.95 -33.29
C GLN A 178 34.72 5.41 -33.15
N SER A 179 35.77 5.81 -33.88
CA SER A 179 36.27 7.18 -33.81
C SER A 179 35.15 8.20 -33.97
N SER A 180 34.11 7.86 -34.71
CA SER A 180 32.92 8.72 -34.79
C SER A 180 32.29 8.94 -33.44
N GLY A 181 32.34 7.95 -32.56
CA GLY A 181 31.65 8.00 -31.28
C GLY A 181 30.49 7.04 -31.15
N LEU A 182 30.29 6.17 -32.14
CA LEU A 182 29.26 5.14 -32.12
C LEU A 182 29.91 3.79 -31.84
N TYR A 183 29.15 2.89 -31.27
CA TYR A 183 29.66 1.56 -30.94
C TYR A 183 29.54 0.64 -32.14
N SER A 184 30.40 -0.39 -32.16
CA SER A 184 30.39 -1.35 -33.24
C SER A 184 30.90 -2.69 -32.71
N LEU A 185 30.27 -3.76 -33.17
CA LEU A 185 30.65 -5.10 -32.77
C LEU A 185 30.44 -6.03 -33.95
N SER A 186 30.80 -7.30 -33.73
CA SER A 186 30.77 -8.30 -34.79
C SER A 186 30.43 -9.63 -34.15
N SER A 187 29.32 -10.24 -34.58
CA SER A 187 28.93 -11.54 -34.07
C SER A 187 29.23 -12.55 -35.15
N VAL A 188 30.02 -13.57 -34.83
CA VAL A 188 30.41 -14.54 -35.84
C VAL A 188 30.09 -15.93 -35.34
N VAL A 189 29.99 -16.86 -36.29
CA VAL A 189 29.74 -18.25 -35.96
C VAL A 189 30.42 -19.11 -37.01
N THR A 190 31.30 -19.99 -36.56
CA THR A 190 32.02 -20.89 -37.44
C THR A 190 31.09 -21.99 -37.91
N VAL A 191 30.80 -22.02 -39.21
CA VAL A 191 29.86 -23.00 -39.76
C VAL A 191 30.57 -23.86 -40.80
N PRO A 192 30.33 -25.17 -40.84
CA PRO A 192 31.01 -26.03 -41.81
C PRO A 192 30.66 -25.72 -43.27
N SER A 193 31.69 -25.83 -44.14
CA SER A 193 31.48 -25.64 -45.57
C SER A 193 30.58 -26.72 -46.18
N SER A 194 30.74 -27.98 -45.75
CA SER A 194 29.88 -29.06 -46.23
C SER A 194 28.41 -28.74 -45.98
N SER A 195 28.09 -28.05 -44.89
CA SER A 195 26.72 -27.69 -44.55
C SER A 195 26.05 -26.85 -45.63
N LEU A 196 26.79 -25.98 -46.31
CA LEU A 196 26.25 -25.16 -47.39
C LEU A 196 24.97 -24.39 -47.03
N GLY A 197 23.84 -24.83 -47.56
CA GLY A 197 22.54 -24.23 -47.28
C GLY A 197 21.61 -25.13 -46.48
N THR A 198 22.17 -26.16 -45.86
CA THR A 198 21.33 -27.15 -45.18
C THR A 198 20.58 -26.53 -44.00
N GLN A 199 21.26 -25.73 -43.19
CA GLN A 199 20.55 -24.88 -42.23
C GLN A 199 20.30 -23.52 -42.88
N THR A 200 19.96 -22.53 -42.06
CA THR A 200 19.81 -21.14 -42.48
C THR A 200 20.83 -20.29 -41.72
N TYR A 201 21.09 -19.08 -42.23
CA TYR A 201 22.07 -18.19 -41.61
C TYR A 201 21.48 -16.80 -41.50
N ILE A 202 20.95 -16.50 -40.31
CA ILE A 202 20.35 -15.22 -40.00
C ILE A 202 20.77 -14.84 -38.59
N CYS A 203 21.32 -13.66 -38.42
CA CYS A 203 21.59 -13.13 -37.09
C CYS A 203 20.46 -12.19 -36.67
N ASN A 204 19.96 -12.40 -35.45
CA ASN A 204 18.90 -11.61 -34.87
C ASN A 204 19.55 -10.61 -33.92
N VAL A 205 19.61 -9.37 -34.32
CA VAL A 205 20.12 -8.27 -33.53
C VAL A 205 18.95 -7.55 -32.88
N ASN A 206 19.14 -7.12 -31.64
CA ASN A 206 18.14 -6.34 -30.93
C ASN A 206 18.87 -5.21 -30.20
N HIS A 207 18.32 -4.01 -30.35
CA HIS A 207 18.81 -2.76 -29.77
C HIS A 207 17.64 -2.07 -29.07
N LYS A 208 17.15 -2.68 -28.00
CA LYS A 208 16.06 -2.14 -27.20
C LYS A 208 16.28 -0.70 -26.74
N PRO A 209 17.53 -0.26 -26.46
CA PRO A 209 17.73 1.18 -26.22
C PRO A 209 17.27 2.04 -27.38
N SER A 210 17.44 1.56 -28.61
CA SER A 210 16.92 2.22 -29.79
C SER A 210 15.70 1.50 -30.36
N ASN A 211 15.26 0.42 -29.71
CA ASN A 211 14.06 -0.34 -30.09
C ASN A 211 14.16 -0.88 -31.52
N THR A 212 15.35 -1.34 -31.91
CA THR A 212 15.58 -1.89 -33.24
C THR A 212 15.72 -3.41 -33.18
N LYS A 213 15.16 -4.11 -34.15
CA LYS A 213 15.28 -5.56 -34.21
C LYS A 213 15.55 -5.95 -35.66
N VAL A 214 16.70 -6.57 -35.93
CA VAL A 214 17.13 -6.86 -37.29
C VAL A 214 17.51 -8.33 -37.37
N ASP A 215 16.79 -9.09 -38.19
CA ASP A 215 17.10 -10.50 -38.38
C ASP A 215 17.60 -10.60 -39.81
N LYS A 216 18.91 -10.41 -39.99
CA LYS A 216 19.51 -10.34 -41.31
C LYS A 216 20.11 -11.69 -41.70
N LYS A 217 19.91 -12.08 -42.96
CA LYS A 217 20.45 -13.33 -43.45
C LYS A 217 21.83 -13.09 -44.03
N VAL A 218 22.78 -13.93 -43.67
CA VAL A 218 24.14 -13.85 -44.18
C VAL A 218 24.34 -14.98 -45.18
N GLU A 219 24.57 -14.61 -46.44
CA GLU A 219 24.79 -15.57 -47.51
C GLU A 219 25.86 -15.02 -48.44
N PRO A 220 26.62 -15.89 -49.12
CA PRO A 220 27.72 -15.50 -50.00
C PRO A 220 27.30 -14.54 -51.12
N THR B 5 41.87 -5.42 0.01
CA THR B 5 42.62 -5.77 -1.20
C THR B 5 42.50 -7.26 -1.51
N GLN B 6 42.77 -7.63 -2.76
CA GLN B 6 42.81 -9.02 -3.19
C GLN B 6 44.19 -9.37 -3.76
N SER B 7 44.51 -10.66 -3.73
CA SER B 7 45.75 -11.20 -4.25
C SER B 7 45.56 -12.68 -4.57
N PRO B 8 46.00 -13.18 -5.73
CA PRO B 8 46.85 -12.55 -6.75
C PRO B 8 46.12 -11.61 -7.71
N SER B 9 46.85 -10.73 -8.38
CA SER B 9 46.23 -9.90 -9.40
C SER B 9 45.75 -10.75 -10.57
N SER B 10 46.57 -11.72 -10.98
CA SER B 10 46.25 -12.64 -12.05
C SER B 10 47.19 -13.83 -11.92
N LEU B 11 46.73 -14.98 -12.38
CA LEU B 11 47.51 -16.19 -12.21
C LEU B 11 47.14 -17.15 -13.33
N SER B 12 48.14 -17.90 -13.80
CA SER B 12 47.91 -18.91 -14.82
C SER B 12 48.50 -20.21 -14.32
N ALA B 13 47.63 -21.12 -13.92
CA ALA B 13 47.93 -22.51 -13.64
C ALA B 13 47.22 -23.35 -14.69
N SER B 14 47.23 -24.66 -14.51
CA SER B 14 46.57 -25.58 -15.42
C SER B 14 45.49 -26.36 -14.68
N VAL B 15 44.87 -27.29 -15.39
CA VAL B 15 43.79 -28.08 -14.82
C VAL B 15 44.35 -28.95 -13.70
N GLY B 16 43.67 -28.94 -12.56
CA GLY B 16 44.10 -29.68 -11.41
C GLY B 16 45.01 -28.92 -10.47
N ASP B 17 45.76 -27.96 -10.99
CA ASP B 17 46.65 -27.18 -10.15
C ASP B 17 45.85 -26.47 -9.08
N ARG B 18 46.17 -26.75 -7.81
CA ARG B 18 45.51 -26.05 -6.73
C ARG B 18 45.85 -24.56 -6.81
N VAL B 19 44.84 -23.72 -6.66
CA VAL B 19 44.97 -22.28 -6.86
C VAL B 19 44.25 -21.58 -5.73
N THR B 20 44.89 -20.57 -5.14
CA THR B 20 44.32 -19.91 -3.97
C THR B 20 44.46 -18.40 -4.08
N ILE B 21 43.33 -17.73 -3.99
CA ILE B 21 43.24 -16.28 -3.93
C ILE B 21 43.19 -15.86 -2.48
N THR B 22 43.75 -14.69 -2.16
CA THR B 22 43.76 -14.17 -0.81
C THR B 22 43.22 -12.74 -0.80
N CYS B 23 42.46 -12.43 0.24
CA CYS B 23 41.78 -11.16 0.44
C CYS B 23 42.19 -10.58 1.78
N ARG B 24 42.48 -9.28 1.76
CA ARG B 24 42.90 -8.60 3.00
C ARG B 24 41.68 -7.94 3.65
N ALA B 25 41.73 -7.78 4.97
CA ALA B 25 40.66 -7.13 5.73
C ALA B 25 41.27 -6.19 6.78
N SER B 26 41.64 -4.99 6.35
CA SER B 26 42.25 -3.98 7.23
C SER B 26 41.47 -3.79 8.53
N ALA B 28 38.92 -5.77 11.63
CA ALA B 28 38.07 -6.38 10.57
C ALA B 28 36.61 -6.39 11.04
N ALA B 29 35.70 -6.86 10.18
CA ALA B 29 34.29 -6.92 10.56
C ALA B 29 33.87 -8.37 10.83
N TYR B 30 34.32 -8.87 11.98
CA TYR B 30 33.80 -10.08 12.64
C TYR B 30 33.64 -11.26 11.69
N GLY B 31 34.57 -11.37 10.73
CA GLY B 31 34.61 -12.51 9.82
C GLY B 31 33.34 -12.72 9.01
N ARG B 32 32.67 -11.64 8.62
CA ARG B 32 31.52 -11.70 7.71
C ARG B 32 32.00 -11.39 6.29
N VAL B 33 32.35 -12.43 5.53
CA VAL B 33 32.97 -12.27 4.22
C VAL B 33 32.26 -13.17 3.22
N ALA B 34 32.36 -12.81 1.94
CA ALA B 34 31.80 -13.61 0.87
C ALA B 34 32.77 -13.69 -0.29
N TRP B 35 32.56 -14.69 -1.16
CA TRP B 35 33.31 -14.87 -2.39
C TRP B 35 32.33 -15.03 -3.54
N TYR B 36 32.62 -14.32 -4.63
CA TYR B 36 31.78 -14.26 -5.82
C TYR B 36 32.60 -14.58 -7.07
N GLN B 37 31.91 -15.07 -8.09
CA GLN B 37 32.47 -15.47 -9.37
C GLN B 37 31.84 -14.60 -10.45
N GLN B 38 32.66 -13.84 -11.15
CA GLN B 38 32.22 -12.92 -12.19
C GLN B 38 32.63 -13.52 -13.52
N LYS B 39 31.68 -14.16 -14.20
CA LYS B 39 31.93 -14.66 -15.53
C LYS B 39 31.98 -13.48 -16.50
N PRO B 40 32.50 -13.69 -17.71
CA PRO B 40 32.60 -12.60 -18.69
C PRO B 40 31.33 -11.79 -18.84
N GLY B 41 31.38 -10.52 -18.40
CA GLY B 41 30.25 -9.61 -18.49
C GLY B 41 28.91 -10.17 -18.11
N LYS B 42 28.82 -10.81 -16.93
CA LYS B 42 27.56 -11.42 -16.53
C LYS B 42 27.26 -11.11 -15.06
N ALA B 43 26.30 -11.80 -14.47
CA ALA B 43 25.87 -11.44 -13.12
C ALA B 43 26.77 -12.09 -12.09
N PRO B 44 27.31 -11.33 -11.14
CA PRO B 44 28.11 -11.92 -10.07
C PRO B 44 27.29 -12.92 -9.27
N LYS B 45 27.71 -14.19 -9.32
CA LYS B 45 27.10 -15.24 -8.52
C LYS B 45 28.00 -15.46 -7.31
N LEU B 46 27.40 -15.78 -6.17
CA LEU B 46 28.22 -15.97 -4.98
C LEU B 46 28.63 -17.42 -4.88
N LEU B 47 29.81 -17.63 -4.32
CA LEU B 47 30.33 -18.97 -4.07
C LEU B 47 30.48 -19.25 -2.59
N ILE B 48 30.89 -18.27 -1.79
CA ILE B 48 31.18 -18.48 -0.38
C ILE B 48 30.47 -17.41 0.44
N TYR B 49 29.69 -17.82 1.43
CA TYR B 49 29.09 -16.87 2.35
C TYR B 49 29.53 -17.18 3.78
N LYS B 50 29.43 -16.16 4.64
CA LYS B 50 29.93 -16.24 6.01
C LYS B 50 31.40 -16.66 6.06
N ALA B 51 32.11 -16.41 4.95
CA ALA B 51 33.55 -16.58 4.80
C ALA B 51 34.05 -18.02 4.80
N SER B 52 33.19 -18.98 5.11
CA SER B 52 33.56 -20.38 4.94
C SER B 52 32.48 -21.25 4.32
N GLU B 53 31.20 -20.91 4.48
CA GLU B 53 30.12 -21.69 3.92
C GLU B 53 30.09 -21.58 2.40
N LEU B 54 29.53 -22.59 1.75
CA LEU B 54 29.57 -22.72 0.30
C LEU B 54 28.14 -22.72 -0.25
N TYR B 55 27.92 -21.90 -1.28
CA TYR B 55 26.60 -21.78 -1.88
C TYR B 55 26.18 -23.09 -2.55
N ALA B 56 24.87 -23.27 -2.66
CA ALA B 56 24.33 -24.46 -3.31
C ALA B 56 24.76 -24.52 -4.77
N GLY B 57 25.15 -25.72 -5.20
CA GLY B 57 25.64 -25.94 -6.54
C GLY B 57 27.14 -25.73 -6.71
N VAL B 58 27.73 -24.88 -5.88
CA VAL B 58 29.16 -24.56 -6.03
C VAL B 58 29.99 -25.82 -5.88
N PRO B 59 30.97 -26.05 -6.75
CA PRO B 59 31.72 -27.31 -6.74
C PRO B 59 32.48 -27.56 -5.44
N SER B 60 32.63 -28.85 -5.13
CA SER B 60 33.41 -29.26 -3.96
C SER B 60 34.84 -28.75 -4.02
N ARG B 61 35.36 -28.50 -5.24
CA ARG B 61 36.71 -27.98 -5.42
C ARG B 61 36.88 -26.57 -4.85
N PHE B 62 35.79 -25.86 -4.62
CA PHE B 62 35.82 -24.53 -4.03
C PHE B 62 35.79 -24.62 -2.51
N SER B 63 36.50 -23.71 -1.85
CA SER B 63 36.66 -23.73 -0.39
C SER B 63 37.10 -22.35 0.08
N GLY B 64 36.87 -22.07 1.37
CA GLY B 64 37.29 -20.82 1.95
C GLY B 64 38.05 -21.02 3.26
N SER B 65 38.83 -20.01 3.63
CA SER B 65 39.57 -20.06 4.88
C SER B 65 39.78 -18.65 5.43
N ARG B 66 40.19 -18.59 6.69
CA ARG B 66 40.30 -17.35 7.46
C ARG B 66 41.58 -17.39 8.30
N SER B 67 42.55 -16.55 7.96
CA SER B 67 43.82 -16.41 8.69
C SER B 67 43.81 -15.22 9.64
N GLY B 68 42.82 -15.12 10.52
CA GLY B 68 42.76 -13.96 11.37
C GLY B 68 42.04 -12.84 10.63
N THR B 69 42.81 -12.00 9.93
CA THR B 69 42.24 -10.96 9.11
C THR B 69 42.45 -11.17 7.61
N ASP B 70 42.97 -12.32 7.19
CA ASP B 70 43.31 -12.56 5.79
C ASP B 70 42.52 -13.77 5.31
N PHE B 71 41.42 -13.53 4.59
CA PHE B 71 40.53 -14.59 4.12
C PHE B 71 40.91 -15.06 2.73
N THR B 72 40.90 -16.37 2.51
CA THR B 72 41.36 -16.93 1.24
C THR B 72 40.30 -17.84 0.61
N LEU B 73 40.31 -17.85 -0.73
CA LEU B 73 39.49 -18.75 -1.54
C LEU B 73 40.40 -19.80 -2.18
N THR B 74 39.99 -21.06 -2.09
CA THR B 74 40.80 -22.21 -2.46
C THR B 74 40.08 -23.04 -3.52
N ILE B 75 40.76 -23.32 -4.63
CA ILE B 75 40.26 -24.25 -5.63
C ILE B 75 41.26 -25.40 -5.74
N SER B 76 40.83 -26.62 -5.41
CA SER B 76 41.78 -27.73 -5.36
C SER B 76 42.10 -28.28 -6.75
N SER B 77 41.10 -28.82 -7.44
CA SER B 77 41.32 -29.31 -8.80
C SER B 77 40.71 -28.26 -9.71
N LEU B 78 41.55 -27.32 -10.12
CA LEU B 78 41.10 -26.24 -10.99
C LEU B 78 40.55 -26.79 -12.29
N GLN B 79 39.26 -26.60 -12.51
CA GLN B 79 38.66 -27.06 -13.74
C GLN B 79 38.43 -25.88 -14.67
N PRO B 80 38.37 -26.13 -15.98
CA PRO B 80 38.33 -25.00 -16.93
C PRO B 80 37.12 -24.09 -16.78
N GLU B 81 35.99 -24.61 -16.30
CA GLU B 81 34.79 -23.79 -16.16
C GLU B 81 35.01 -22.57 -15.28
N ASP B 82 35.96 -22.65 -14.33
CA ASP B 82 36.09 -21.63 -13.30
C ASP B 82 36.93 -20.45 -13.74
N PHE B 83 36.85 -20.09 -15.02
CA PHE B 83 37.51 -18.89 -15.51
C PHE B 83 36.58 -17.71 -15.29
N ALA B 84 37.04 -16.73 -14.53
CA ALA B 84 36.20 -15.60 -14.12
C ALA B 84 37.08 -14.57 -13.42
N THR B 85 36.45 -13.55 -12.85
CA THR B 85 37.09 -12.65 -11.91
C THR B 85 36.44 -12.88 -10.55
N TYR B 86 37.24 -13.11 -9.52
CA TYR B 86 36.68 -13.51 -8.23
C TYR B 86 36.79 -12.34 -7.25
N TYR B 87 35.70 -12.09 -6.53
CA TYR B 87 35.63 -10.94 -5.62
C TYR B 87 35.29 -11.40 -4.22
N CYS B 88 35.74 -10.65 -3.23
CA CYS B 88 35.43 -10.93 -1.84
C CYS B 88 34.63 -9.77 -1.28
N GLN B 89 33.61 -10.09 -0.50
CA GLN B 89 32.70 -9.09 0.05
C GLN B 89 33.05 -8.98 1.51
N GLN B 90 33.64 -7.84 1.88
CA GLN B 90 34.04 -7.59 3.26
C GLN B 90 32.84 -7.32 4.14
N ARG B 91 31.72 -6.92 3.53
CA ARG B 91 30.47 -6.69 4.25
C ARG B 91 30.62 -5.57 5.27
N GLY B 92 29.71 -5.54 6.23
CA GLY B 92 29.58 -4.48 7.21
C GLY B 92 28.16 -3.98 7.21
N TRP B 93 27.56 -3.94 8.40
CA TRP B 93 26.19 -3.45 8.56
C TRP B 93 26.00 -2.09 7.91
N TYR B 94 26.89 -1.15 8.22
CA TYR B 94 26.78 0.21 7.73
C TYR B 94 28.00 0.57 6.89
N LEU B 95 28.81 -0.41 6.54
CA LEU B 95 30.05 -0.20 5.81
C LEU B 95 30.34 -1.35 4.83
N PHE B 96 29.35 -1.75 4.04
CA PHE B 96 29.58 -2.75 2.99
C PHE B 96 30.64 -2.27 2.01
N THR B 97 31.64 -3.12 1.73
CA THR B 97 32.74 -2.80 0.82
C THR B 97 33.19 -4.04 0.05
N PHE B 98 33.24 -3.94 -1.28
CA PHE B 98 33.62 -5.03 -2.16
C PHE B 98 35.13 -5.24 -2.25
N GLY B 99 35.53 -6.48 -2.58
CA GLY B 99 36.93 -6.83 -2.75
C GLY B 99 37.52 -6.36 -4.07
N GLN B 100 38.85 -6.39 -4.15
CA GLN B 100 39.56 -5.87 -5.32
C GLN B 100 39.21 -6.63 -6.59
N GLY B 101 39.10 -7.95 -6.52
CA GLY B 101 38.85 -8.73 -7.72
C GLY B 101 40.11 -9.43 -8.19
N THR B 102 39.97 -10.67 -8.66
CA THR B 102 41.11 -11.48 -9.09
C THR B 102 40.80 -12.11 -10.43
N LYS B 103 41.57 -11.76 -11.45
CA LYS B 103 41.40 -12.37 -12.76
C LYS B 103 41.88 -13.81 -12.74
N VAL B 104 41.05 -14.72 -13.22
CA VAL B 104 41.38 -16.14 -13.24
C VAL B 104 41.78 -16.44 -14.69
N GLU B 105 43.08 -16.33 -14.94
CA GLU B 105 43.66 -16.68 -16.23
C GLU B 105 43.96 -18.17 -16.27
N ILE B 106 44.08 -18.71 -17.48
CA ILE B 106 44.42 -20.15 -17.63
C ILE B 106 45.29 -20.34 -18.88
N LYS B 107 46.55 -20.77 -18.70
CA LYS B 107 47.43 -21.05 -19.86
C LYS B 107 46.89 -22.31 -20.57
N ARG B 108 46.86 -22.31 -21.90
CA ARG B 108 46.26 -23.46 -22.63
C ARG B 108 47.36 -24.43 -23.07
N THR B 109 46.98 -25.66 -23.41
CA THR B 109 47.97 -26.66 -23.90
C THR B 109 48.79 -26.05 -25.04
N ALA B 112 45.46 -23.85 -33.21
CA ALA B 112 45.67 -23.13 -34.45
C ALA B 112 45.00 -21.76 -34.48
N PRO B 113 45.69 -20.76 -35.04
CA PRO B 113 45.11 -19.40 -35.07
C PRO B 113 43.90 -19.27 -35.99
N SER B 114 43.86 -20.00 -37.12
CA SER B 114 42.73 -20.06 -38.04
C SER B 114 42.17 -18.67 -38.36
N VAL B 115 42.99 -17.90 -39.11
CA VAL B 115 42.71 -16.51 -39.41
C VAL B 115 41.71 -16.41 -40.57
N PHE B 116 40.89 -15.35 -40.56
CA PHE B 116 39.95 -15.09 -41.64
C PHE B 116 39.90 -13.61 -41.97
N ILE B 117 39.33 -13.27 -43.12
CA ILE B 117 39.15 -11.90 -43.57
C ILE B 117 37.80 -11.76 -44.26
N PHE B 118 37.11 -10.64 -43.99
CA PHE B 118 35.83 -10.37 -44.64
C PHE B 118 35.84 -8.93 -45.19
N PRO B 119 35.56 -8.75 -46.48
CA PRO B 119 35.62 -7.42 -47.09
C PRO B 119 34.39 -6.59 -46.73
N PRO B 120 34.44 -5.27 -46.97
CA PRO B 120 33.25 -4.45 -46.75
C PRO B 120 32.10 -4.88 -47.64
N SER B 121 30.90 -4.88 -47.08
CA SER B 121 29.73 -5.19 -47.89
C SER B 121 29.46 -4.02 -48.84
N ASP B 122 28.97 -4.36 -50.04
CA ASP B 122 28.66 -3.35 -51.04
C ASP B 122 27.70 -2.31 -50.50
N GLU B 123 26.86 -2.71 -49.55
CA GLU B 123 25.95 -1.72 -48.92
C GLU B 123 26.81 -0.71 -48.15
N GLN B 124 27.67 -1.21 -47.27
CA GLN B 124 28.53 -0.31 -46.46
C GLN B 124 29.36 0.54 -47.41
N LEU B 125 29.95 -0.11 -48.41
CA LEU B 125 30.72 0.65 -49.42
C LEU B 125 29.84 1.76 -49.96
N LYS B 126 28.66 1.40 -50.50
CA LYS B 126 27.75 2.42 -51.09
C LYS B 126 27.41 3.47 -50.03
N SER B 127 27.22 3.03 -48.78
CA SER B 127 26.90 3.98 -47.68
C SER B 127 27.84 5.18 -47.75
N GLY B 128 29.14 4.94 -47.94
CA GLY B 128 30.09 6.05 -48.09
C GLY B 128 31.45 5.72 -47.51
N THR B 129 31.51 4.69 -46.66
CA THR B 129 32.79 4.33 -45.99
C THR B 129 33.02 2.83 -46.14
N ALA B 130 34.27 2.40 -46.23
CA ALA B 130 34.58 0.99 -46.42
C ALA B 130 35.27 0.45 -45.16
N SER B 131 34.80 -0.72 -44.70
CA SER B 131 35.32 -1.37 -43.51
C SER B 131 35.73 -2.80 -43.85
N VAL B 132 37.02 -3.10 -43.68
CA VAL B 132 37.61 -4.41 -43.89
C VAL B 132 37.82 -5.06 -42.52
N VAL B 133 37.52 -6.35 -42.38
CA VAL B 133 37.68 -6.95 -41.07
C VAL B 133 38.60 -8.18 -41.18
N CYS B 134 39.33 -8.45 -40.09
CA CYS B 134 40.27 -9.56 -40.01
C CYS B 134 40.07 -10.27 -38.67
N LEU B 135 39.82 -11.57 -38.74
CA LEU B 135 39.43 -12.45 -37.64
C LEU B 135 40.58 -13.35 -37.18
N LEU B 136 40.76 -13.46 -35.86
CA LEU B 136 41.73 -14.39 -35.27
C LEU B 136 41.04 -15.21 -34.18
N ASN B 137 40.73 -16.47 -34.50
CA ASN B 137 39.92 -17.29 -33.56
C ASN B 137 40.73 -18.35 -32.82
N ASN B 138 40.33 -18.65 -31.58
CA ASN B 138 40.91 -19.70 -30.77
C ASN B 138 42.44 -19.58 -30.70
N PHE B 139 42.90 -18.46 -30.14
CA PHE B 139 44.31 -18.16 -30.02
C PHE B 139 44.65 -17.65 -28.63
N TYR B 140 45.89 -17.89 -28.22
CA TYR B 140 46.47 -17.39 -26.98
C TYR B 140 47.97 -17.25 -27.20
N PRO B 141 48.66 -16.34 -26.49
CA PRO B 141 48.24 -15.34 -25.52
C PRO B 141 47.90 -13.96 -26.11
N ARG B 142 47.86 -12.96 -25.23
CA ARG B 142 47.61 -11.58 -25.61
C ARG B 142 48.93 -10.96 -26.09
N GLU B 143 48.97 -9.63 -26.23
CA GLU B 143 50.11 -8.88 -26.77
C GLU B 143 50.44 -9.36 -28.18
N ALA B 144 49.53 -9.02 -29.09
CA ALA B 144 49.56 -9.46 -30.49
C ALA B 144 49.28 -8.26 -31.41
N LYS B 145 50.18 -7.28 -31.40
CA LYS B 145 49.97 -6.06 -32.17
C LYS B 145 49.68 -6.38 -33.63
N VAL B 146 48.44 -6.15 -34.04
CA VAL B 146 47.96 -6.50 -35.37
C VAL B 146 48.46 -5.49 -36.39
N SER B 147 48.89 -5.98 -37.55
CA SER B 147 49.47 -5.17 -38.58
C SER B 147 48.57 -5.26 -39.79
N TRP B 148 48.36 -4.14 -40.46
CA TRP B 148 47.53 -4.08 -41.65
C TRP B 148 48.36 -3.55 -42.80
N TYR B 149 48.09 -4.02 -44.02
CA TYR B 149 48.87 -3.62 -45.19
C TYR B 149 47.90 -3.39 -46.35
N VAL B 150 47.65 -2.13 -46.67
CA VAL B 150 46.88 -1.79 -47.87
C VAL B 150 47.89 -1.66 -49.00
N ASP B 151 47.87 -2.63 -49.91
CA ASP B 151 48.90 -2.80 -50.93
C ASP B 151 50.29 -2.92 -50.31
N ASN B 152 50.39 -3.78 -49.29
CA ASN B 152 51.64 -4.03 -48.55
C ASN B 152 52.23 -2.73 -48.02
N ALA B 153 51.38 -1.89 -47.44
CA ALA B 153 51.77 -0.64 -46.79
C ALA B 153 51.21 -0.67 -45.38
N LEU B 154 52.09 -0.61 -44.38
CA LEU B 154 51.68 -0.78 -42.99
C LEU B 154 50.55 0.17 -42.60
N GLN B 155 49.51 -0.39 -42.01
CA GLN B 155 48.33 0.37 -41.59
C GLN B 155 48.16 0.21 -40.08
N SER B 156 48.16 1.33 -39.38
CA SER B 156 47.90 1.45 -37.95
C SER B 156 46.80 2.50 -37.77
N GLY B 157 46.32 2.66 -36.54
CA GLY B 157 45.38 3.72 -36.23
C GLY B 157 44.16 3.77 -37.13
N ASN B 158 44.02 2.74 -37.96
CA ASN B 158 42.82 2.46 -38.73
C ASN B 158 42.33 1.07 -38.38
N SER B 159 42.95 0.46 -37.38
CA SER B 159 42.68 -0.89 -36.92
C SER B 159 42.05 -0.82 -35.54
N GLN B 160 40.84 -1.34 -35.40
CA GLN B 160 40.17 -1.44 -34.11
C GLN B 160 40.08 -2.91 -33.71
N GLU B 161 40.67 -3.26 -32.57
CA GLU B 161 40.74 -4.64 -32.10
C GLU B 161 39.78 -4.87 -30.95
N SER B 162 39.26 -6.10 -30.89
CA SER B 162 38.40 -6.58 -29.81
C SER B 162 38.67 -8.05 -29.55
N VAL B 163 38.72 -8.42 -28.27
CA VAL B 163 39.05 -9.77 -27.85
C VAL B 163 37.94 -10.31 -26.97
N THR B 164 37.59 -11.57 -27.18
CA THR B 164 36.55 -12.23 -26.39
C THR B 164 37.13 -12.61 -25.04
N GLU B 165 36.37 -13.36 -24.25
CA GLU B 165 36.85 -13.85 -22.98
C GLU B 165 37.19 -15.34 -23.08
N GLN B 166 38.07 -15.78 -22.17
CA GLN B 166 38.53 -17.17 -22.16
C GLN B 166 37.35 -18.12 -22.25
N ASP B 167 37.33 -18.92 -23.31
CA ASP B 167 36.25 -19.89 -23.45
C ASP B 167 36.35 -20.88 -22.31
N SER B 168 35.18 -21.28 -21.79
CA SER B 168 35.16 -22.14 -20.60
C SER B 168 35.84 -23.49 -20.86
N LYS B 169 35.80 -23.99 -22.09
CA LYS B 169 36.33 -25.32 -22.38
C LYS B 169 37.79 -25.29 -22.83
N ASP B 170 38.06 -24.63 -23.96
CA ASP B 170 39.41 -24.62 -24.53
C ASP B 170 40.32 -23.60 -23.88
N SER B 171 39.78 -22.56 -23.25
CA SER B 171 40.58 -21.48 -22.65
C SER B 171 41.39 -20.72 -23.70
N THR B 172 40.87 -20.63 -24.92
CA THR B 172 41.44 -19.79 -25.96
C THR B 172 40.60 -18.54 -26.16
N TYR B 173 41.17 -17.56 -26.85
CA TYR B 173 40.55 -16.26 -27.03
C TYR B 173 39.98 -16.11 -28.46
N SER B 174 39.48 -14.91 -28.77
CA SER B 174 39.04 -14.60 -30.13
C SER B 174 39.17 -13.10 -30.35
N LEU B 175 39.78 -12.71 -31.47
CA LEU B 175 40.11 -11.32 -31.76
C LEU B 175 39.52 -10.90 -33.11
N SER B 176 39.29 -9.59 -33.23
CA SER B 176 38.69 -8.99 -34.42
C SER B 176 39.28 -7.60 -34.61
N SER B 177 40.04 -7.41 -35.69
CA SER B 177 40.60 -6.12 -36.04
C SER B 177 39.88 -5.55 -37.26
N THR B 178 39.58 -4.25 -37.22
CA THR B 178 38.78 -3.58 -38.24
C THR B 178 39.56 -2.43 -38.86
N LEU B 179 39.78 -2.51 -40.17
CA LEU B 179 40.33 -1.44 -41.00
C LEU B 179 39.20 -0.56 -41.52
N THR B 180 39.08 0.66 -41.02
CA THR B 180 38.01 1.54 -41.43
C THR B 180 38.59 2.72 -42.20
N LEU B 181 38.02 3.03 -43.36
CA LEU B 181 38.54 4.09 -44.19
C LEU B 181 37.43 4.59 -45.09
N SER B 182 37.71 5.62 -45.87
CA SER B 182 36.72 6.13 -46.80
C SER B 182 36.75 5.28 -48.07
N LYS B 183 35.59 5.21 -48.73
CA LYS B 183 35.54 4.49 -49.99
C LYS B 183 36.46 5.12 -51.02
N ALA B 184 36.82 6.39 -50.83
CA ALA B 184 37.78 7.05 -51.71
C ALA B 184 39.15 6.40 -51.60
N ASP B 185 39.69 6.29 -50.39
CA ASP B 185 40.96 5.60 -50.23
C ASP B 185 40.81 4.12 -50.47
N TYR B 186 39.58 3.61 -50.41
CA TYR B 186 39.26 2.26 -50.82
C TYR B 186 39.07 2.24 -52.33
N GLU B 187 38.97 1.03 -52.90
CA GLU B 187 38.72 0.83 -54.33
C GLU B 187 39.89 1.31 -55.19
N LYS B 188 40.84 2.00 -54.58
CA LYS B 188 42.04 2.43 -55.26
C LYS B 188 43.12 1.37 -55.18
N HIS B 189 42.86 0.29 -54.45
CA HIS B 189 43.81 -0.77 -54.21
C HIS B 189 43.11 -2.11 -54.36
N LYS B 190 43.90 -3.13 -54.66
CA LYS B 190 43.42 -4.48 -54.85
C LYS B 190 43.81 -5.39 -53.69
N VAL B 191 45.09 -5.43 -53.35
CA VAL B 191 45.60 -6.30 -52.29
C VAL B 191 45.38 -5.62 -50.94
N TYR B 192 44.69 -6.32 -50.04
CA TYR B 192 44.51 -5.89 -48.65
C TYR B 192 45.00 -7.04 -47.77
N ALA B 193 46.19 -6.91 -47.19
CA ALA B 193 46.80 -7.95 -46.37
C ALA B 193 46.70 -7.60 -44.88
N CYS B 194 46.60 -8.63 -44.04
CA CYS B 194 46.49 -8.43 -42.59
C CYS B 194 47.41 -9.41 -41.86
N GLU B 195 48.41 -8.82 -41.21
CA GLU B 195 49.45 -9.62 -40.51
C GLU B 195 49.25 -9.59 -39.00
N VAL B 196 49.76 -10.61 -38.32
CA VAL B 196 49.69 -10.74 -36.87
C VAL B 196 51.11 -10.93 -36.33
N THR B 197 51.49 -10.15 -35.31
CA THR B 197 52.82 -10.25 -34.74
C THR B 197 52.97 -11.51 -33.90
N GLN B 198 53.52 -12.56 -34.52
CA GLN B 198 53.81 -13.84 -33.88
C GLN B 198 55.27 -14.18 -34.12
N GLY B 199 56.11 -14.02 -33.10
CA GLY B 199 57.52 -14.34 -33.19
C GLY B 199 57.84 -15.71 -33.78
N THR B 200 56.87 -16.62 -33.78
CA THR B 200 57.05 -17.93 -34.39
C THR B 200 56.79 -17.90 -35.89
N THR B 201 55.57 -17.55 -36.30
CA THR B 201 55.19 -17.43 -37.71
C THR B 201 54.25 -16.24 -37.78
N SER B 202 54.67 -15.17 -38.46
CA SER B 202 53.94 -13.91 -38.47
C SER B 202 53.00 -13.90 -39.69
N VAL B 203 51.98 -14.75 -39.59
CA VAL B 203 51.08 -15.05 -40.71
C VAL B 203 50.24 -13.83 -41.10
N THR B 204 49.73 -13.87 -42.33
CA THR B 204 49.01 -12.78 -42.98
C THR B 204 47.95 -13.36 -43.91
N LYS B 205 46.86 -12.62 -44.08
CA LYS B 205 45.79 -13.02 -45.00
C LYS B 205 45.33 -11.83 -45.83
N SER B 206 44.94 -12.09 -47.08
CA SER B 206 44.62 -11.01 -48.01
C SER B 206 43.46 -11.43 -48.93
N PHE B 207 43.00 -10.48 -49.75
CA PHE B 207 41.93 -10.68 -50.71
C PHE B 207 42.09 -9.69 -51.86
N ASN B 208 41.32 -9.92 -52.93
CA ASN B 208 41.36 -9.07 -54.12
C ASN B 208 39.98 -8.48 -54.38
N ARG B 209 39.89 -7.15 -54.40
CA ARG B 209 38.63 -6.47 -54.70
C ARG B 209 38.00 -6.94 -55.99
N GLY B 210 38.82 -7.12 -57.03
CA GLY B 210 38.35 -7.56 -58.33
C GLY B 210 37.70 -8.93 -58.29
N GLU B 211 38.08 -9.74 -57.32
CA GLU B 211 37.49 -11.06 -57.11
C GLU B 211 36.39 -11.03 -56.04
N CYS B 212 35.49 -12.00 -56.12
CA CYS B 212 34.36 -12.11 -55.19
C CYS B 212 33.89 -13.57 -55.11
N HIS C 11 15.39 17.00 15.32
CA HIS C 11 14.57 15.80 15.22
C HIS C 11 14.16 15.28 16.60
N HIS C 12 12.89 14.88 16.71
CA HIS C 12 12.36 14.28 17.92
C HIS C 12 11.06 13.58 17.56
N GLU C 13 10.68 12.58 18.37
CA GLU C 13 9.49 11.79 18.09
C GLU C 13 8.64 11.66 19.35
N VAL C 14 7.31 11.67 19.16
CA VAL C 14 6.33 11.49 20.23
C VAL C 14 5.28 10.50 19.79
N VAL C 15 4.70 9.78 20.75
CA VAL C 15 3.56 8.91 20.51
C VAL C 15 2.39 9.45 21.31
N LYS C 16 1.27 9.73 20.63
CA LYS C 16 0.08 10.24 21.31
C LYS C 16 -0.46 9.19 22.27
N PHE C 17 -1.10 9.66 23.35
CA PHE C 17 -1.56 8.74 24.39
C PHE C 17 -2.49 7.68 23.82
N MET C 18 -3.47 8.09 23.01
CA MET C 18 -4.35 7.10 22.39
C MET C 18 -3.55 6.09 21.59
N ASP C 19 -2.50 6.57 20.90
CA ASP C 19 -1.65 5.68 20.11
C ASP C 19 -0.85 4.74 21.00
N VAL C 20 -0.27 5.25 22.09
CA VAL C 20 0.46 4.39 23.02
C VAL C 20 -0.47 3.30 23.54
N TYR C 21 -1.65 3.72 24.00
CA TYR C 21 -2.63 2.79 24.55
C TYR C 21 -2.98 1.70 23.55
N GLN C 22 -3.27 2.08 22.30
CA GLN C 22 -3.70 1.09 21.33
C GLN C 22 -2.55 0.17 20.93
N ARG C 23 -1.38 0.73 20.63
CA ARG C 23 -0.28 -0.09 20.14
C ARG C 23 0.24 -1.00 21.25
N SER C 24 0.08 -0.61 22.51
CA SER C 24 0.45 -1.48 23.62
C SER C 24 -0.75 -2.14 24.30
N TYR C 25 -1.95 -2.03 23.75
CA TYR C 25 -3.04 -2.75 24.39
C TYR C 25 -2.95 -4.23 24.01
N CYS C 26 -3.54 -5.06 24.86
CA CYS C 26 -3.53 -6.52 24.73
C CYS C 26 -3.90 -6.95 23.33
N HIS C 27 -2.96 -7.58 22.62
CA HIS C 27 -3.16 -7.91 21.21
C HIS C 27 -2.09 -8.90 20.77
N PRO C 28 -2.39 -9.76 19.80
CA PRO C 28 -1.39 -10.73 19.34
C PRO C 28 -0.20 -10.04 18.69
N ILE C 29 0.99 -10.31 19.22
CA ILE C 29 2.23 -9.71 18.73
C ILE C 29 3.22 -10.82 18.35
N GLU C 30 3.97 -10.57 17.28
CA GLU C 30 5.10 -11.43 16.90
C GLU C 30 6.08 -11.56 18.04
N THR C 31 6.28 -12.78 18.53
CA THR C 31 7.21 -13.12 19.58
C THR C 31 8.12 -14.23 19.10
N LEU C 32 9.43 -14.04 19.19
CA LEU C 32 10.37 -15.08 18.79
C LEU C 32 10.56 -16.08 19.93
N VAL C 33 10.34 -17.36 19.64
CA VAL C 33 10.26 -18.41 20.65
C VAL C 33 11.23 -19.53 20.28
N ASP C 34 12.10 -19.90 21.22
CA ASP C 34 13.00 -21.02 20.96
C ASP C 34 12.19 -22.31 20.83
N ILE C 35 12.52 -23.12 19.84
CA ILE C 35 11.77 -24.33 19.53
C ILE C 35 11.76 -25.29 20.71
N PHE C 36 12.79 -25.26 21.55
CA PHE C 36 12.79 -26.10 22.74
C PHE C 36 11.57 -25.85 23.60
N GLN C 37 11.18 -24.58 23.76
CA GLN C 37 10.08 -24.25 24.68
C GLN C 37 8.79 -24.94 24.29
N GLU C 38 8.56 -25.18 23.01
CA GLU C 38 7.29 -25.81 22.62
C GLU C 38 7.42 -27.31 22.51
N TYR C 39 8.48 -27.81 21.85
CA TYR C 39 8.70 -29.23 21.64
C TYR C 39 10.02 -29.60 22.31
N PRO C 40 10.03 -29.78 23.64
CA PRO C 40 11.32 -30.04 24.30
C PRO C 40 11.81 -31.47 24.14
N ASP C 41 11.54 -32.06 22.98
CA ASP C 41 11.96 -33.41 22.62
C ASP C 41 13.23 -33.35 21.80
N GLU C 42 13.92 -34.48 21.71
CA GLU C 42 15.08 -34.66 20.82
C GLU C 42 16.18 -33.62 21.13
N ILE C 43 16.75 -33.78 22.33
CA ILE C 43 17.78 -32.85 22.77
C ILE C 43 19.03 -32.99 21.91
N GLU C 44 19.45 -34.22 21.62
CA GLU C 44 20.64 -34.49 20.80
C GLU C 44 20.28 -34.36 19.32
N TYR C 45 19.83 -33.17 18.95
CA TYR C 45 19.36 -32.88 17.60
C TYR C 45 19.34 -31.37 17.44
N ILE C 46 20.12 -30.83 16.50
CA ILE C 46 20.16 -29.39 16.32
C ILE C 46 19.03 -28.92 15.42
N PHE C 47 18.42 -27.78 15.76
CA PHE C 47 17.42 -27.14 14.91
C PHE C 47 17.98 -25.80 14.45
N LYS C 48 17.95 -25.55 13.15
CA LYS C 48 18.30 -24.24 12.59
C LYS C 48 17.11 -23.74 11.77
N PRO C 49 16.52 -22.59 12.10
CA PRO C 49 16.87 -21.68 13.18
C PRO C 49 16.53 -22.24 14.55
N SER C 50 17.12 -21.66 15.61
CA SER C 50 16.82 -22.12 16.96
C SER C 50 15.46 -21.64 17.42
N CYS C 51 14.99 -20.50 16.91
CA CYS C 51 13.70 -19.94 17.28
C CYS C 51 12.80 -19.87 16.06
N VAL C 52 11.52 -19.66 16.34
CA VAL C 52 10.49 -19.47 15.32
C VAL C 52 9.70 -18.23 15.69
N PRO C 53 9.18 -17.47 14.71
CA PRO C 53 8.35 -16.31 15.01
C PRO C 53 6.90 -16.72 15.18
N LEU C 54 6.30 -16.45 16.35
CA LEU C 54 4.96 -16.90 16.67
C LEU C 54 4.09 -15.76 17.13
N MET C 55 2.87 -15.70 16.62
CA MET C 55 1.88 -14.74 17.10
C MET C 55 1.51 -15.16 18.52
N ARG C 56 2.18 -14.59 19.52
CA ARG C 56 1.82 -14.90 20.90
C ARG C 56 1.10 -13.70 21.49
N CYS C 57 0.38 -13.93 22.59
CA CYS C 57 -0.31 -12.83 23.24
C CYS C 57 0.69 -11.92 23.93
N GLY C 58 0.21 -10.75 24.31
CA GLY C 58 1.04 -9.76 24.95
C GLY C 58 0.47 -8.37 24.84
N GLY C 59 0.74 -7.52 25.82
CA GLY C 59 0.23 -6.17 25.81
C GLY C 59 -0.48 -5.88 27.12
N CYS C 60 -0.68 -4.60 27.42
CA CYS C 60 -1.30 -4.26 28.69
C CYS C 60 -2.79 -4.56 28.64
N CYS C 61 -3.29 -5.17 29.72
CA CYS C 61 -4.72 -5.26 29.95
C CYS C 61 -5.24 -4.03 30.68
N ASN C 62 -4.33 -3.21 31.22
CA ASN C 62 -4.61 -1.92 31.85
C ASN C 62 -5.61 -2.03 32.99
N ASP C 63 -5.53 -3.12 33.74
CA ASP C 63 -6.17 -3.27 35.04
C ASP C 63 -5.59 -4.53 35.67
N GLU C 64 -5.06 -4.41 36.88
CA GLU C 64 -4.39 -5.53 37.54
C GLU C 64 -5.28 -6.76 37.60
N GLY C 65 -6.57 -6.59 37.89
CA GLY C 65 -7.44 -7.73 38.08
C GLY C 65 -7.45 -8.71 36.93
N LEU C 66 -7.39 -8.19 35.70
CA LEU C 66 -7.46 -9.05 34.52
C LEU C 66 -6.13 -9.07 33.77
N GLU C 67 -5.99 -10.08 32.93
CA GLU C 67 -4.75 -10.37 32.21
C GLU C 67 -5.06 -10.70 30.77
N CYS C 68 -4.07 -10.41 29.92
CA CYS C 68 -4.07 -10.70 28.48
C CYS C 68 -3.93 -12.21 28.28
N VAL C 69 -5.04 -12.88 27.95
CA VAL C 69 -5.03 -14.32 27.69
C VAL C 69 -5.55 -14.63 26.28
N PRO C 70 -5.06 -15.70 25.65
CA PRO C 70 -5.60 -16.11 24.34
C PRO C 70 -7.03 -16.65 24.43
N THR C 71 -7.75 -16.49 23.32
CA THR C 71 -9.14 -16.93 23.22
C THR C 71 -9.37 -17.78 21.98
N GLU C 72 -8.62 -17.51 20.92
CA GLU C 72 -8.67 -18.29 19.68
C GLU C 72 -7.27 -18.76 19.36
N GLU C 73 -7.09 -20.08 19.26
CA GLU C 73 -5.78 -20.66 19.01
C GLU C 73 -5.86 -21.75 17.96
N SER C 74 -4.80 -21.89 17.17
CA SER C 74 -4.71 -22.99 16.22
C SER C 74 -3.24 -23.29 15.96
N ASN C 75 -2.95 -24.18 15.00
CA ASN C 75 -1.60 -24.67 14.78
C ASN C 75 -1.06 -24.23 13.43
N ILE C 76 0.22 -23.87 13.41
CA ILE C 76 0.95 -23.53 12.19
C ILE C 76 2.13 -24.47 12.07
N THR C 77 2.25 -25.14 10.93
CA THR C 77 3.42 -25.96 10.66
C THR C 77 4.43 -25.13 9.88
N MET C 78 5.68 -25.12 10.34
CA MET C 78 6.75 -24.37 9.72
C MET C 78 7.95 -25.27 9.49
N GLN C 79 8.79 -24.87 8.54
CA GLN C 79 9.97 -25.64 8.16
C GLN C 79 11.16 -25.26 9.03
N ILE C 80 11.79 -26.26 9.65
CA ILE C 80 12.97 -26.08 10.46
C ILE C 80 14.00 -27.08 9.96
N MET C 81 15.24 -26.63 9.83
CA MET C 81 16.33 -27.51 9.39
C MET C 81 16.77 -28.36 10.57
N ARG C 82 16.39 -29.64 10.53
CA ARG C 82 16.82 -30.63 11.51
C ARG C 82 18.24 -31.08 11.16
N ILE C 83 19.20 -30.71 12.00
CA ILE C 83 20.60 -31.08 11.86
C ILE C 83 20.78 -32.33 12.70
N LYS C 84 21.04 -33.45 12.03
CA LYS C 84 21.27 -34.73 12.67
C LYS C 84 22.62 -34.76 13.40
N PRO C 85 22.72 -35.58 14.48
CA PRO C 85 23.94 -35.60 15.29
C PRO C 85 25.22 -35.71 14.47
N HIS C 86 25.16 -36.47 13.38
CA HIS C 86 26.23 -36.53 12.40
C HIS C 86 25.53 -36.47 11.06
N GLN C 87 26.20 -36.88 9.97
CA GLN C 87 25.75 -36.54 8.62
C GLN C 87 24.25 -36.65 8.42
N GLY C 88 23.63 -35.50 8.19
CA GLY C 88 22.22 -35.36 7.89
C GLY C 88 21.77 -33.92 8.03
N GLN C 89 20.96 -33.45 7.07
CA GLN C 89 20.51 -32.07 7.03
C GLN C 89 19.04 -31.95 6.63
N HIS C 90 18.22 -32.92 7.01
CA HIS C 90 16.83 -32.90 6.56
C HIS C 90 16.07 -31.74 7.19
N ILE C 91 15.27 -31.08 6.37
CA ILE C 91 14.44 -29.96 6.79
C ILE C 91 13.03 -30.50 7.07
N GLY C 92 12.62 -30.46 8.33
CA GLY C 92 11.36 -31.07 8.75
C GLY C 92 10.29 -30.04 9.09
N GLU C 93 9.04 -30.49 8.99
CA GLU C 93 7.87 -29.62 9.14
C GLU C 93 7.39 -29.64 10.59
N MET C 94 8.12 -28.93 11.44
CA MET C 94 7.76 -28.88 12.85
C MET C 94 6.54 -27.98 13.03
N SER C 95 5.56 -28.43 13.80
CA SER C 95 4.38 -27.63 14.07
C SER C 95 4.54 -26.87 15.37
N PHE C 96 3.82 -25.76 15.48
CA PHE C 96 3.79 -24.94 16.67
C PHE C 96 2.39 -24.36 16.83
N LEU C 97 2.07 -23.95 18.06
CA LEU C 97 0.77 -23.35 18.36
C LEU C 97 0.87 -21.85 18.22
N GLN C 98 -0.19 -21.21 17.72
CA GLN C 98 -0.21 -19.75 17.70
C GLN C 98 -1.57 -19.26 18.20
N HIS C 99 -1.53 -18.01 18.65
CA HIS C 99 -2.65 -17.31 19.27
C HIS C 99 -3.26 -16.37 18.24
N ASN C 100 -4.39 -16.78 17.67
CA ASN C 100 -5.12 -15.92 16.73
C ASN C 100 -5.66 -14.67 17.41
N LYS C 101 -6.26 -14.83 18.58
CA LYS C 101 -6.96 -13.74 19.23
C LYS C 101 -6.66 -13.73 20.71
N CYS C 102 -6.47 -12.55 21.27
CA CYS C 102 -6.27 -12.39 22.70
C CYS C 102 -7.47 -11.66 23.29
N GLU C 103 -7.42 -11.47 24.61
CA GLU C 103 -8.53 -10.84 25.31
C GLU C 103 -8.05 -10.48 26.70
N CYS C 104 -8.84 -9.66 27.38
CA CYS C 104 -8.56 -9.22 28.74
C CYS C 104 -9.58 -9.89 29.65
N ARG C 105 -9.14 -10.88 30.42
CA ARG C 105 -10.03 -11.67 31.25
C ARG C 105 -9.48 -11.81 32.67
N PRO C 106 -10.35 -12.04 33.66
CA PRO C 106 -9.90 -12.02 35.06
C PRO C 106 -8.86 -13.09 35.39
N LYS C 107 -8.11 -12.82 36.44
CA LYS C 107 -7.02 -13.66 36.91
C LYS C 107 -7.55 -14.81 37.77
N LYS C 108 -6.64 -15.66 38.24
CA LYS C 108 -6.95 -16.79 39.10
C LYS C 108 -5.74 -17.20 39.96
N HIS D 11 -6.95 -26.57 4.23
CA HIS D 11 -7.41 -25.55 5.16
C HIS D 11 -6.27 -25.11 6.09
N HIS D 12 -5.05 -25.49 5.75
CA HIS D 12 -3.90 -25.27 6.61
C HIS D 12 -2.81 -24.53 5.82
N GLU D 13 -1.86 -23.94 6.56
CA GLU D 13 -0.81 -23.11 5.96
C GLU D 13 0.57 -23.54 6.47
N VAL D 14 1.58 -23.36 5.62
CA VAL D 14 2.98 -23.68 5.92
C VAL D 14 3.86 -22.48 5.55
N VAL D 15 4.96 -22.33 6.29
CA VAL D 15 5.97 -21.29 6.04
C VAL D 15 7.27 -21.96 5.61
N LYS D 16 7.79 -21.52 4.46
CA LYS D 16 9.03 -22.07 3.92
C LYS D 16 10.22 -21.76 4.83
N PHE D 17 11.19 -22.68 4.83
CA PHE D 17 12.35 -22.59 5.72
C PHE D 17 13.12 -21.29 5.53
N MET D 18 13.34 -20.89 4.27
CA MET D 18 14.06 -19.65 4.02
C MET D 18 13.40 -18.50 4.79
N ASP D 19 12.08 -18.47 4.79
CA ASP D 19 11.34 -17.46 5.53
C ASP D 19 11.49 -17.63 7.03
N VAL D 20 11.40 -18.86 7.53
CA VAL D 20 11.52 -19.10 8.96
C VAL D 20 12.86 -18.58 9.47
N TYR D 21 13.95 -18.98 8.82
CA TYR D 21 15.27 -18.48 9.20
C TYR D 21 15.30 -16.96 9.13
N GLN D 22 14.70 -16.39 8.08
CA GLN D 22 14.80 -14.95 7.88
C GLN D 22 14.05 -14.17 8.96
N ARG D 23 12.79 -14.53 9.21
CA ARG D 23 11.94 -13.76 10.12
C ARG D 23 12.30 -13.95 11.58
N SER D 24 12.81 -15.11 11.95
CA SER D 24 13.29 -15.34 13.32
C SER D 24 14.79 -15.18 13.39
N TYR D 25 15.27 -14.08 12.84
CA TYR D 25 16.72 -13.83 12.99
C TYR D 25 16.91 -12.68 13.96
N CYS D 26 18.15 -12.39 14.27
CA CYS D 26 18.52 -11.26 15.11
C CYS D 26 18.14 -9.94 14.44
N HIS D 27 17.18 -9.23 15.03
CA HIS D 27 16.63 -8.02 14.44
C HIS D 27 15.71 -7.29 15.42
N PRO D 28 15.60 -5.97 15.35
CA PRO D 28 14.66 -5.25 16.21
C PRO D 28 13.22 -5.62 15.87
N ILE D 29 12.48 -6.04 16.87
CA ILE D 29 11.08 -6.42 16.76
C ILE D 29 10.27 -5.53 17.70
N GLU D 30 9.09 -5.11 17.26
CA GLU D 30 8.16 -4.48 18.18
C GLU D 30 7.95 -5.44 19.35
N THR D 31 8.37 -5.00 20.53
CA THR D 31 8.30 -5.77 21.75
C THR D 31 7.53 -4.94 22.78
N LEU D 32 6.49 -5.52 23.34
CA LEU D 32 5.71 -4.81 24.34
C LEU D 32 6.40 -4.97 25.70
N VAL D 33 6.72 -3.85 26.34
CA VAL D 33 7.52 -3.83 27.55
C VAL D 33 6.75 -3.10 28.62
N ASP D 34 6.54 -3.75 29.76
CA ASP D 34 5.89 -3.06 30.87
C ASP D 34 6.81 -1.94 31.38
N ILE D 35 6.21 -0.77 31.61
CA ILE D 35 7.00 0.38 32.04
C ILE D 35 7.67 0.08 33.39
N PHE D 36 7.03 -0.76 34.21
CA PHE D 36 7.61 -1.12 35.50
C PHE D 36 9.02 -1.67 35.33
N GLN D 37 9.23 -2.52 34.33
CA GLN D 37 10.55 -3.09 34.11
C GLN D 37 11.58 -2.01 33.80
N GLU D 38 11.16 -0.92 33.17
CA GLU D 38 12.07 0.14 32.71
C GLU D 38 12.26 1.25 33.73
N TYR D 39 11.19 1.70 34.40
CA TYR D 39 11.30 2.75 35.41
C TYR D 39 10.94 2.16 36.77
N PRO D 40 11.84 1.42 37.42
CA PRO D 40 11.48 0.76 38.68
C PRO D 40 11.44 1.69 39.88
N ASP D 41 12.00 2.90 39.79
CA ASP D 41 12.09 3.74 40.96
C ASP D 41 10.83 4.55 41.19
N GLU D 42 10.09 4.88 40.13
CA GLU D 42 8.83 5.57 40.30
C GLU D 42 7.78 4.57 40.80
N ILE D 43 7.98 4.03 42.00
CA ILE D 43 7.10 3.01 42.54
C ILE D 43 5.74 3.61 42.93
N GLU D 44 5.75 4.75 43.61
CA GLU D 44 4.50 5.32 44.09
C GLU D 44 3.77 6.07 42.98
N TYR D 45 3.55 5.39 41.87
CA TYR D 45 2.87 5.93 40.69
C TYR D 45 2.49 4.75 39.80
N ILE D 46 1.19 4.50 39.64
CA ILE D 46 0.74 3.49 38.68
C ILE D 46 0.69 4.18 37.31
N PHE D 47 1.00 3.44 36.25
CA PHE D 47 1.05 4.02 34.92
C PHE D 47 -0.04 3.43 34.03
N LYS D 48 -0.73 4.30 33.31
CA LYS D 48 -1.74 3.88 32.33
C LYS D 48 -1.31 4.39 30.96
N PRO D 49 -1.07 3.52 29.97
CA PRO D 49 -1.10 2.05 30.06
C PRO D 49 0.10 1.57 30.86
N SER D 50 0.07 0.33 31.35
CA SER D 50 1.20 -0.17 32.12
C SER D 50 2.39 -0.49 31.24
N CYS D 51 2.16 -0.89 29.99
CA CYS D 51 3.24 -1.25 29.09
C CYS D 51 3.25 -0.38 27.84
N VAL D 52 4.39 -0.37 27.15
CA VAL D 52 4.62 0.42 25.93
C VAL D 52 5.23 -0.43 24.81
N PRO D 53 4.91 -0.14 23.54
CA PRO D 53 5.52 -0.87 22.42
C PRO D 53 6.85 -0.28 22.02
N LEU D 54 7.93 -1.05 22.14
CA LEU D 54 9.28 -0.57 21.84
C LEU D 54 9.96 -1.57 20.93
N MET D 55 10.59 -1.08 19.87
CA MET D 55 11.37 -1.97 19.01
C MET D 55 12.62 -2.39 19.76
N ARG D 56 12.55 -3.59 20.34
CA ARG D 56 13.73 -4.10 21.09
C ARG D 56 14.36 -5.25 20.33
N CYS D 57 15.56 -5.65 20.72
CA CYS D 57 16.30 -6.71 20.08
C CYS D 57 15.61 -8.06 20.28
N GLY D 58 16.09 -9.05 19.53
CA GLY D 58 15.56 -10.39 19.60
C GLY D 58 15.84 -11.23 18.38
N GLY D 59 15.97 -12.54 18.56
CA GLY D 59 16.17 -13.44 17.44
C GLY D 59 17.34 -14.40 17.54
N CYS D 60 17.28 -15.49 16.76
CA CYS D 60 18.32 -16.50 16.78
C CYS D 60 19.54 -16.01 16.01
N CYS D 61 20.72 -16.21 16.58
CA CYS D 61 21.96 -16.10 15.82
C CYS D 61 22.38 -17.43 15.21
N ASN D 62 21.81 -18.54 15.68
CA ASN D 62 22.09 -19.87 15.14
C ASN D 62 23.59 -20.15 15.14
N ASP D 63 24.26 -19.69 16.20
CA ASP D 63 25.68 -19.95 16.39
C ASP D 63 26.04 -19.63 17.83
N GLU D 64 26.63 -20.62 18.52
CA GLU D 64 26.95 -20.44 19.94
C GLU D 64 27.90 -19.27 20.17
N GLY D 65 28.91 -19.15 19.32
CA GLY D 65 29.89 -18.08 19.51
C GLY D 65 29.25 -16.71 19.59
N LEU D 66 28.17 -16.49 18.85
CA LEU D 66 27.56 -15.18 18.70
C LEU D 66 26.23 -15.09 19.43
N GLU D 67 25.82 -13.86 19.70
CA GLU D 67 24.63 -13.53 20.46
C GLU D 67 23.97 -12.29 19.85
N CYS D 68 22.64 -12.22 19.98
CA CYS D 68 21.83 -11.09 19.54
C CYS D 68 22.04 -9.91 20.49
N VAL D 69 22.85 -8.95 20.06
CA VAL D 69 23.08 -7.76 20.88
C VAL D 69 22.62 -6.52 20.11
N PRO D 70 22.10 -5.51 20.80
CA PRO D 70 21.82 -4.24 20.13
C PRO D 70 23.10 -3.52 19.75
N THR D 71 23.02 -2.73 18.69
CA THR D 71 24.18 -2.01 18.19
C THR D 71 23.88 -0.52 18.01
N GLU D 72 22.63 -0.20 17.68
CA GLU D 72 22.18 1.18 17.52
C GLU D 72 21.00 1.41 18.44
N GLU D 73 21.09 2.40 19.32
CA GLU D 73 20.02 2.64 20.27
C GLU D 73 19.64 4.10 20.29
N SER D 74 18.35 4.35 20.48
CA SER D 74 17.83 5.71 20.57
C SER D 74 16.63 5.71 21.50
N ASN D 75 15.99 6.87 21.65
CA ASN D 75 14.91 7.01 22.62
C ASN D 75 13.64 7.55 21.97
N ILE D 76 12.51 7.05 22.44
CA ILE D 76 11.19 7.52 22.03
C ILE D 76 10.46 8.00 23.28
N THR D 77 10.00 9.25 23.25
CA THR D 77 9.15 9.79 24.29
C THR D 77 7.71 9.55 23.91
N MET D 78 6.94 8.99 24.85
CA MET D 78 5.55 8.67 24.62
C MET D 78 4.71 9.28 25.74
N GLN D 79 3.42 9.49 25.45
CA GLN D 79 2.52 10.09 26.42
C GLN D 79 1.94 8.99 27.31
N ILE D 80 2.15 9.12 28.62
CA ILE D 80 1.72 8.12 29.60
C ILE D 80 0.98 8.82 30.72
N MET D 81 -0.12 8.23 31.17
CA MET D 81 -0.85 8.74 32.32
C MET D 81 -0.14 8.27 33.58
N ARG D 82 0.58 9.17 34.25
CA ARG D 82 1.09 8.87 35.58
C ARG D 82 -0.08 9.09 36.52
N ILE D 83 -0.67 8.00 37.01
CA ILE D 83 -1.76 8.05 37.97
C ILE D 83 -1.20 7.73 39.34
N LYS D 84 -1.24 8.66 40.27
CA LYS D 84 -0.96 8.29 41.64
C LYS D 84 -2.09 7.37 42.11
N PRO D 85 -1.78 6.36 42.94
CA PRO D 85 -2.78 5.30 43.19
C PRO D 85 -4.20 5.73 43.53
N HIS D 86 -4.37 6.73 44.42
CA HIS D 86 -5.72 7.20 44.73
C HIS D 86 -5.82 8.71 44.85
N GLN D 87 -4.76 9.45 44.52
CA GLN D 87 -4.71 10.87 44.83
C GLN D 87 -4.89 11.79 43.63
N GLY D 88 -4.46 11.40 42.44
CA GLY D 88 -4.57 12.30 41.30
C GLY D 88 -3.72 11.82 40.14
N GLN D 89 -4.07 12.19 38.92
CA GLN D 89 -3.33 11.71 37.76
C GLN D 89 -2.96 12.88 36.85
N HIS D 90 -2.05 12.59 35.93
CA HIS D 90 -1.50 13.60 35.03
C HIS D 90 -0.83 12.87 33.87
N ILE D 91 -1.01 13.36 32.66
CA ILE D 91 -0.42 12.70 31.50
C ILE D 91 0.94 13.33 31.21
N GLY D 92 2.01 12.58 31.50
CA GLY D 92 3.39 13.02 31.37
C GLY D 92 4.14 12.30 30.27
N GLU D 93 5.18 12.95 29.75
CA GLU D 93 5.94 12.45 28.59
C GLU D 93 7.15 11.65 29.06
N MET D 94 6.90 10.42 29.51
CA MET D 94 7.99 9.55 29.89
C MET D 94 8.70 9.02 28.64
N SER D 95 10.03 9.02 28.67
CA SER D 95 10.82 8.51 27.56
C SER D 95 11.19 7.05 27.80
N PHE D 96 11.52 6.36 26.72
CA PHE D 96 11.93 4.97 26.78
C PHE D 96 13.02 4.73 25.74
N LEU D 97 13.78 3.67 25.96
CA LEU D 97 14.85 3.30 25.06
C LEU D 97 14.32 2.29 24.03
N GLN D 98 14.81 2.41 22.80
CA GLN D 98 14.50 1.47 21.73
C GLN D 98 15.79 1.10 21.01
N HIS D 99 15.72 -0.06 20.35
CA HIS D 99 16.83 -0.63 19.60
C HIS D 99 16.56 -0.33 18.13
N ASN D 100 17.30 0.63 17.57
CA ASN D 100 17.21 0.87 16.14
C ASN D 100 17.70 -0.35 15.37
N LYS D 101 18.84 -0.90 15.76
CA LYS D 101 19.47 -1.99 15.04
C LYS D 101 20.09 -2.98 16.02
N CYS D 102 19.99 -4.27 15.70
CA CYS D 102 20.66 -5.34 16.44
C CYS D 102 21.68 -6.01 15.53
N GLU D 103 22.38 -7.01 16.07
CA GLU D 103 23.45 -7.70 15.34
C GLU D 103 23.83 -8.95 16.11
N CYS D 104 24.62 -9.82 15.46
CA CYS D 104 25.08 -11.08 16.03
C CYS D 104 26.58 -10.94 16.29
N ARG D 105 26.97 -10.87 17.55
CA ARG D 105 28.38 -10.67 17.86
C ARG D 105 28.86 -11.70 18.88
N PRO D 106 30.16 -11.99 18.90
CA PRO D 106 30.65 -13.12 19.71
C PRO D 106 30.37 -12.95 21.20
N LYS D 107 30.30 -14.10 21.89
CA LYS D 107 30.00 -14.17 23.32
C LYS D 107 31.28 -13.89 24.09
N LYS D 108 31.45 -12.62 24.47
CA LYS D 108 32.61 -12.18 25.24
C LYS D 108 32.67 -12.90 26.58
N ASP D 109 33.69 -13.74 26.74
CA ASP D 109 33.89 -14.50 27.97
C ASP D 109 35.32 -15.04 28.08
N GLU E 1 -8.55 16.32 16.44
CA GLU E 1 -8.16 16.38 15.03
C GLU E 1 -8.71 15.18 14.26
N VAL E 2 -9.19 14.18 15.01
CA VAL E 2 -9.67 12.94 14.41
C VAL E 2 -10.98 13.20 13.67
N GLN E 3 -11.02 12.83 12.38
CA GLN E 3 -12.25 12.91 11.61
C GLN E 3 -12.41 11.68 10.73
N LEU E 4 -13.66 11.24 10.59
CA LEU E 4 -14.04 10.23 9.61
C LEU E 4 -14.96 10.89 8.59
N VAL E 5 -14.69 10.66 7.31
CA VAL E 5 -15.43 11.27 6.22
C VAL E 5 -15.92 10.18 5.30
N GLU E 6 -17.23 10.18 5.02
CA GLU E 6 -17.82 9.14 4.20
C GLU E 6 -18.35 9.70 2.89
N SER E 7 -18.41 8.81 1.91
CA SER E 7 -19.07 9.10 0.64
C SER E 7 -19.40 7.79 -0.05
N GLY E 8 -20.02 7.90 -1.23
CA GLY E 8 -20.49 6.76 -2.00
C GLY E 8 -21.99 6.53 -1.99
N GLY E 9 -22.76 7.31 -1.24
CA GLY E 9 -24.18 7.06 -1.18
C GLY E 9 -24.88 7.33 -2.50
N GLY E 10 -26.02 6.66 -2.65
CA GLY E 10 -26.81 6.79 -3.86
C GLY E 10 -27.88 5.72 -3.91
N LEU E 11 -28.34 5.45 -5.14
CA LEU E 11 -29.39 4.47 -5.41
C LEU E 11 -28.82 3.32 -6.22
N VAL E 12 -29.30 2.11 -5.96
CA VAL E 12 -28.91 0.91 -6.69
C VAL E 12 -30.12 -0.01 -6.81
N GLN E 13 -30.37 -0.51 -8.01
CA GLN E 13 -31.45 -1.47 -8.18
C GLN E 13 -31.09 -2.80 -7.51
N PRO E 14 -32.07 -3.52 -6.98
CA PRO E 14 -31.81 -4.83 -6.39
C PRO E 14 -30.96 -5.72 -7.29
N GLY E 15 -29.87 -6.24 -6.72
CA GLY E 15 -28.88 -7.02 -7.42
C GLY E 15 -27.58 -6.30 -7.73
N GLY E 16 -27.55 -4.97 -7.62
CA GLY E 16 -26.37 -4.20 -7.95
C GLY E 16 -25.40 -4.02 -6.80
N SER E 17 -24.40 -3.17 -7.03
CA SER E 17 -23.28 -2.98 -6.13
C SER E 17 -23.03 -1.49 -5.91
N LEU E 18 -22.17 -1.21 -4.92
CA LEU E 18 -21.74 0.13 -4.55
C LEU E 18 -20.66 0.01 -3.49
N ARG E 19 -19.65 0.88 -3.54
CA ARG E 19 -18.60 0.90 -2.53
C ARG E 19 -18.75 2.19 -1.73
N LEU E 20 -18.87 2.04 -0.42
CA LEU E 20 -18.83 3.16 0.51
C LEU E 20 -17.39 3.41 0.92
N SER E 21 -17.10 4.67 1.25
CA SER E 21 -15.74 5.05 1.61
C SER E 21 -15.76 5.83 2.91
N CYS E 22 -14.83 5.47 3.81
CA CYS E 22 -14.64 6.09 5.13
C CYS E 22 -13.16 6.43 5.27
N ALA E 23 -12.80 7.68 5.01
CA ALA E 23 -11.43 8.15 5.13
C ALA E 23 -11.22 8.80 6.48
N ALA E 24 -9.98 8.74 6.99
CA ALA E 24 -9.70 9.20 8.35
C ALA E 24 -8.58 10.22 8.35
N SER E 25 -8.72 11.20 9.24
CA SER E 25 -7.77 12.29 9.39
C SER E 25 -7.37 12.39 10.85
N GLY E 26 -6.09 12.71 11.07
CA GLY E 26 -5.51 12.92 12.37
C GLY E 26 -5.28 11.69 13.25
N PHE E 27 -5.30 10.49 12.67
CA PHE E 27 -5.06 9.25 13.43
C PHE E 27 -4.94 8.10 12.44
N ASP E 28 -3.90 7.28 12.58
CA ASP E 28 -3.70 6.22 11.60
C ASP E 28 -4.74 5.12 11.81
N LEU E 29 -5.27 4.61 10.70
CA LEU E 29 -6.21 3.50 10.76
C LEU E 29 -5.53 2.19 11.10
N TRP E 30 -4.26 2.04 10.69
CA TRP E 30 -3.60 0.74 10.78
C TRP E 30 -3.71 0.16 12.19
N TYR E 31 -3.31 0.92 13.20
CA TYR E 31 -3.38 0.44 14.58
C TYR E 31 -4.76 0.66 15.21
N TYR E 32 -5.86 0.42 14.51
CA TYR E 32 -7.17 0.75 15.05
C TYR E 32 -8.22 -0.14 14.39
N SER E 33 -9.49 0.27 14.48
CA SER E 33 -10.62 -0.53 14.02
C SER E 33 -11.62 0.37 13.31
N ILE E 34 -12.09 -0.05 12.14
CA ILE E 34 -13.19 0.66 11.47
C ILE E 34 -14.37 -0.29 11.38
N HIS E 35 -15.52 0.17 11.88
CA HIS E 35 -16.75 -0.60 11.82
C HIS E 35 -17.78 0.14 10.96
N TRP E 36 -18.69 -0.63 10.37
CA TRP E 36 -19.84 -0.12 9.64
C TRP E 36 -21.11 -0.58 10.33
N VAL E 37 -21.98 0.38 10.63
CA VAL E 37 -23.31 0.21 11.23
C VAL E 37 -24.34 0.87 10.32
N ARG E 38 -25.32 0.09 9.85
CA ARG E 38 -26.38 0.57 8.98
C ARG E 38 -27.66 0.81 9.79
N GLN E 39 -28.35 1.90 9.46
CA GLN E 39 -29.62 2.28 10.07
C GLN E 39 -30.69 2.31 8.99
N ALA E 40 -31.60 1.34 9.01
CA ALA E 40 -32.69 1.33 8.04
C ALA E 40 -33.67 2.46 8.35
N PRO E 41 -34.41 2.94 7.32
CA PRO E 41 -35.34 4.05 7.56
C PRO E 41 -36.28 3.79 8.72
N GLY E 42 -36.13 4.58 9.78
CA GLY E 42 -36.98 4.41 10.94
C GLY E 42 -36.74 3.16 11.74
N LYS E 43 -35.64 2.46 11.50
CA LYS E 43 -35.34 1.21 12.20
C LYS E 43 -34.14 1.41 13.13
N GLY E 44 -33.79 0.35 13.85
CA GLY E 44 -32.71 0.40 14.81
C GLY E 44 -31.35 0.28 14.16
N LEU E 45 -30.31 0.26 15.00
CA LEU E 45 -28.97 0.13 14.47
C LEU E 45 -28.66 -1.33 14.17
N GLU E 46 -27.72 -1.52 13.25
CA GLU E 46 -27.30 -2.84 12.79
C GLU E 46 -25.82 -2.75 12.47
N TRP E 47 -24.99 -3.44 13.27
CA TRP E 47 -23.58 -3.51 12.96
C TRP E 47 -23.41 -4.36 11.70
N VAL E 48 -22.82 -3.76 10.66
CA VAL E 48 -22.64 -4.46 9.40
C VAL E 48 -21.34 -5.24 9.45
N ALA E 49 -20.23 -4.57 9.71
CA ALA E 49 -18.96 -5.28 9.62
C ALA E 49 -17.87 -4.50 10.34
N TYR E 50 -16.68 -5.11 10.41
CA TYR E 50 -15.53 -4.41 10.95
C TYR E 50 -14.25 -4.87 10.26
N ILE E 51 -13.23 -4.03 10.38
CA ILE E 51 -11.88 -4.34 9.95
C ILE E 51 -10.90 -3.85 11.01
N TYR E 52 -9.89 -4.68 11.30
CA TYR E 52 -8.87 -4.39 12.30
C TYR E 52 -7.52 -4.48 11.60
N PRO E 53 -7.09 -3.41 10.91
CA PRO E 53 -5.95 -3.50 9.99
C PRO E 53 -4.70 -4.16 10.56
N SER E 54 -4.16 -3.61 11.64
CA SER E 54 -2.91 -4.14 12.18
C SER E 54 -3.07 -5.47 12.87
N TYR E 55 -4.28 -6.03 12.87
CA TYR E 55 -4.57 -7.30 13.54
C TYR E 55 -4.91 -8.40 12.54
N GLY E 56 -5.32 -8.03 11.33
CA GLY E 56 -5.77 -9.00 10.35
C GLY E 56 -7.12 -9.60 10.66
N TYR E 57 -8.06 -8.78 11.13
CA TYR E 57 -9.39 -9.23 11.52
C TYR E 57 -10.43 -8.63 10.59
N THR E 58 -11.21 -9.49 9.92
CA THR E 58 -12.33 -9.06 9.07
C THR E 58 -13.51 -10.02 9.33
N TYR E 59 -14.39 -9.64 10.24
CA TYR E 59 -15.61 -10.38 10.50
C TYR E 59 -16.82 -9.54 10.09
N TYR E 60 -17.81 -10.20 9.49
CA TYR E 60 -18.99 -9.54 8.96
C TYR E 60 -20.25 -10.05 9.66
N ALA E 61 -21.31 -9.24 9.57
CA ALA E 61 -22.61 -9.63 10.09
C ALA E 61 -23.24 -10.74 9.25
N ASP E 62 -24.24 -11.40 9.83
CA ASP E 62 -24.86 -12.54 9.17
C ASP E 62 -25.69 -12.14 7.96
N SER E 63 -26.39 -11.00 8.04
CA SER E 63 -27.22 -10.57 6.91
C SER E 63 -26.40 -10.25 5.67
N VAL E 64 -25.20 -9.70 5.87
CA VAL E 64 -24.37 -9.20 4.78
C VAL E 64 -23.25 -10.16 4.38
N LYS E 65 -23.14 -11.32 5.03
CA LYS E 65 -22.02 -12.21 4.78
C LYS E 65 -21.98 -12.65 3.32
N GLY E 66 -20.81 -12.53 2.72
CA GLY E 66 -20.66 -12.85 1.29
C GLY E 66 -21.06 -11.74 0.33
N ARG E 67 -22.22 -11.13 0.55
CA ARG E 67 -22.64 -10.03 -0.31
C ARG E 67 -21.74 -8.81 -0.14
N PHE E 68 -21.33 -8.50 1.08
CA PHE E 68 -20.54 -7.30 1.35
C PHE E 68 -19.09 -7.67 1.64
N THR E 69 -18.20 -6.69 1.50
CA THR E 69 -16.79 -6.88 1.80
C THR E 69 -16.19 -5.59 2.34
N ILE E 70 -15.56 -5.67 3.51
CA ILE E 70 -14.86 -4.54 4.10
C ILE E 70 -13.39 -4.64 3.75
N SER E 71 -12.71 -3.49 3.71
CA SER E 71 -11.32 -3.46 3.30
C SER E 71 -10.73 -2.15 3.82
N ALA E 72 -9.41 -2.02 3.70
CA ALA E 72 -8.75 -0.80 4.17
C ALA E 72 -7.44 -0.62 3.42
N ASP E 73 -7.16 0.63 3.04
CA ASP E 73 -5.89 1.00 2.42
C ASP E 73 -5.20 1.95 3.38
N THR E 74 -4.07 1.50 3.93
CA THR E 74 -3.35 2.22 4.97
C THR E 74 -2.87 3.59 4.48
N SER E 75 -2.37 3.65 3.25
CA SER E 75 -1.77 4.87 2.74
C SER E 75 -2.79 6.01 2.67
N LYS E 76 -4.01 5.70 2.23
CA LYS E 76 -5.04 6.71 2.16
C LYS E 76 -5.81 6.81 3.47
N ASN E 77 -5.40 6.05 4.48
CA ASN E 77 -6.02 6.09 5.80
C ASN E 77 -7.52 5.88 5.66
N THR E 78 -7.91 4.93 4.81
CA THR E 78 -9.31 4.88 4.40
C THR E 78 -9.78 3.45 4.28
N ALA E 79 -10.95 3.17 4.86
CA ALA E 79 -11.61 1.89 4.74
C ALA E 79 -12.71 1.98 3.68
N TYR E 80 -13.04 0.83 3.08
CA TYR E 80 -14.08 0.75 2.07
C TYR E 80 -14.99 -0.44 2.32
N LEU E 81 -16.28 -0.21 2.15
CA LEU E 81 -17.29 -1.26 2.23
C LEU E 81 -17.91 -1.46 0.85
N GLN E 82 -17.41 -2.46 0.12
CA GLN E 82 -17.91 -2.81 -1.21
C GLN E 82 -19.07 -3.79 -1.03
N MET E 83 -20.29 -3.29 -1.22
CA MET E 83 -21.51 -4.10 -1.21
C MET E 83 -21.85 -4.51 -2.64
N ASN E 84 -22.10 -5.80 -2.88
CA ASN E 84 -22.16 -6.22 -4.28
C ASN E 84 -23.48 -6.80 -4.80
N SER E 85 -24.33 -7.40 -3.97
CA SER E 85 -25.62 -7.91 -4.46
C SER E 85 -26.70 -7.34 -3.55
N LEU E 86 -26.93 -6.03 -3.71
CA LEU E 86 -27.81 -5.27 -2.84
C LEU E 86 -29.25 -5.67 -3.06
N ARG E 87 -29.93 -6.10 -2.01
CA ARG E 87 -31.37 -6.34 -2.08
C ARG E 87 -32.10 -5.18 -1.41
N ALA E 88 -33.42 -5.14 -1.62
CA ALA E 88 -34.22 -4.00 -1.20
C ALA E 88 -34.01 -3.67 0.28
N GLU E 89 -34.13 -4.68 1.14
CA GLU E 89 -34.04 -4.49 2.59
C GLU E 89 -32.74 -3.80 3.02
N ASP E 90 -31.66 -3.94 2.23
CA ASP E 90 -30.39 -3.31 2.57
C ASP E 90 -30.46 -1.78 2.60
N THR E 91 -31.49 -1.19 2.00
CA THR E 91 -31.64 0.27 2.01
C THR E 91 -31.52 0.81 3.43
N ALA E 92 -30.57 1.74 3.61
CA ALA E 92 -30.27 2.27 4.94
C ALA E 92 -29.25 3.39 4.78
N VAL E 93 -29.08 4.16 5.85
CA VAL E 93 -27.94 5.06 5.98
C VAL E 93 -26.81 4.34 6.70
N TYR E 94 -25.60 4.43 6.16
CA TYR E 94 -24.47 3.66 6.66
C TYR E 94 -23.48 4.61 7.33
N TYR E 95 -23.15 4.33 8.58
CA TYR E 95 -22.18 5.07 9.36
C TYR E 95 -20.93 4.22 9.58
N CYS E 96 -19.78 4.89 9.63
CA CYS E 96 -18.52 4.24 9.96
C CYS E 96 -17.95 4.84 11.24
N ALA E 97 -17.21 4.01 11.99
CA ALA E 97 -16.73 4.43 13.30
C ALA E 97 -15.39 3.76 13.61
N ARG E 98 -14.70 4.33 14.60
CA ARG E 98 -13.42 3.82 15.09
C ARG E 98 -13.67 3.13 16.42
N HIS E 99 -12.98 2.00 16.64
CA HIS E 99 -13.03 1.29 17.93
C HIS E 99 -11.64 1.36 18.56
N ALA E 100 -11.46 2.24 19.54
CA ALA E 100 -10.20 2.40 20.24
C ALA E 100 -10.25 1.71 21.60
N TRP E 101 -9.11 1.14 22.02
CA TRP E 101 -9.07 0.40 23.28
C TRP E 101 -9.10 1.32 24.50
N TYR E 102 -8.59 2.56 24.38
CA TYR E 102 -8.67 3.45 25.53
C TYR E 102 -10.12 3.70 25.94
N TYR E 103 -11.05 3.60 24.98
CA TYR E 103 -12.47 3.66 25.26
C TYR E 103 -13.12 2.28 25.27
N GLY E 104 -12.33 1.22 25.34
CA GLY E 104 -12.86 -0.13 25.48
C GLY E 104 -13.57 -0.65 24.25
N TRP E 105 -14.47 -1.61 24.47
CA TRP E 105 -15.32 -2.11 23.41
C TRP E 105 -16.36 -1.05 23.09
N GLY E 106 -16.05 -0.20 22.12
CA GLY E 106 -16.88 0.96 21.87
C GLY E 106 -16.43 1.75 20.66
N LEU E 107 -17.38 2.44 20.06
CA LEU E 107 -17.17 3.17 18.82
C LEU E 107 -17.11 4.66 19.14
N ASP E 108 -15.89 5.22 19.20
CA ASP E 108 -15.74 6.67 19.30
C ASP E 108 -15.95 7.27 17.92
N TYR E 109 -15.37 8.44 17.68
CA TYR E 109 -15.80 9.39 16.65
C TYR E 109 -16.46 8.70 15.46
N TRP E 110 -17.71 9.04 15.20
CA TRP E 110 -18.56 8.39 14.21
C TRP E 110 -18.56 9.20 12.91
N GLY E 111 -19.15 8.61 11.87
CA GLY E 111 -19.30 9.26 10.59
C GLY E 111 -20.43 10.26 10.60
N GLN E 112 -20.88 10.61 9.39
CA GLN E 112 -22.01 11.51 9.23
C GLN E 112 -23.26 10.76 8.82
N GLY E 113 -23.08 9.74 7.99
CA GLY E 113 -24.18 9.00 7.45
C GLY E 113 -24.17 9.11 5.96
N THR E 114 -24.00 7.99 5.27
CA THR E 114 -24.02 7.98 3.82
C THR E 114 -25.16 7.06 3.39
N LEU E 115 -26.08 7.60 2.60
CA LEU E 115 -27.35 6.93 2.34
C LEU E 115 -27.26 6.02 1.13
N VAL E 116 -27.76 4.79 1.26
CA VAL E 116 -27.82 3.83 0.17
C VAL E 116 -29.25 3.33 0.05
N THR E 117 -29.84 3.48 -1.14
CA THR E 117 -31.23 3.12 -1.40
C THR E 117 -31.32 2.00 -2.41
N VAL E 118 -31.96 0.89 -2.04
CA VAL E 118 -32.10 -0.21 -2.99
C VAL E 118 -33.52 -0.27 -3.54
N SER E 119 -33.72 0.36 -4.70
CA SER E 119 -35.01 0.35 -5.38
C SER E 119 -34.78 0.45 -6.88
N SER E 120 -35.70 -0.14 -7.65
CA SER E 120 -35.64 -0.08 -9.10
C SER E 120 -36.28 1.19 -9.67
N ALA E 121 -36.84 2.04 -8.82
CA ALA E 121 -37.43 3.30 -9.27
C ALA E 121 -36.35 4.24 -9.79
N SER E 122 -36.78 5.27 -10.50
CA SER E 122 -35.88 6.16 -11.22
C SER E 122 -35.75 7.51 -10.54
N THR E 123 -34.56 8.09 -10.65
CA THR E 123 -34.31 9.42 -10.10
C THR E 123 -35.16 10.48 -10.79
N LYS E 124 -35.80 11.33 -9.99
CA LYS E 124 -36.55 12.47 -10.50
C LYS E 124 -35.98 13.73 -9.88
N GLY E 125 -35.65 14.71 -10.72
CA GLY E 125 -35.23 15.99 -10.23
C GLY E 125 -36.41 16.67 -9.56
N PRO E 126 -36.15 17.57 -8.62
CA PRO E 126 -37.25 18.15 -7.85
C PRO E 126 -37.87 19.32 -8.58
N SER E 127 -39.00 19.76 -8.06
CA SER E 127 -39.61 21.02 -8.48
C SER E 127 -39.86 21.83 -7.23
N VAL E 128 -39.63 23.14 -7.30
CA VAL E 128 -39.71 24.00 -6.13
C VAL E 128 -40.74 25.08 -6.37
N PHE E 129 -41.78 25.08 -5.54
CA PHE E 129 -42.74 26.17 -5.55
C PHE E 129 -42.66 26.98 -4.26
N PRO E 130 -42.84 28.30 -4.34
CA PRO E 130 -42.77 29.12 -3.13
C PRO E 130 -43.96 28.91 -2.21
N LEU E 131 -43.73 29.19 -0.93
CA LEU E 131 -44.79 29.26 0.08
C LEU E 131 -44.78 30.71 0.56
N ALA E 132 -45.54 31.54 -0.13
CA ALA E 132 -45.45 32.99 0.01
C ALA E 132 -45.93 33.43 1.40
N PRO E 133 -45.25 34.41 2.02
CA PRO E 133 -45.74 34.96 3.29
C PRO E 133 -46.92 35.88 3.08
N SER E 134 -48.12 35.32 3.01
CA SER E 134 -49.31 36.13 2.84
C SER E 134 -49.57 36.97 4.08
N SER E 135 -50.19 38.14 3.86
CA SER E 135 -50.53 39.00 4.98
C SER E 135 -51.42 38.29 5.99
N LYS E 136 -52.17 37.29 5.54
CA LYS E 136 -52.92 36.44 6.47
C LYS E 136 -52.00 35.54 7.27
N SER E 137 -50.97 34.99 6.62
CA SER E 137 -49.97 34.19 7.32
C SER E 137 -49.11 35.00 8.27
N THR E 138 -49.18 36.32 8.19
CA THR E 138 -48.44 37.17 9.14
C THR E 138 -49.08 37.11 10.52
N SER E 139 -48.37 36.58 11.50
CA SER E 139 -48.85 36.61 12.88
C SER E 139 -48.24 37.80 13.62
N GLY E 140 -48.71 38.99 13.26
CA GLY E 140 -48.22 40.20 13.92
C GLY E 140 -46.76 40.44 13.59
N GLY E 141 -45.94 40.60 14.64
CA GLY E 141 -44.51 40.74 14.44
C GLY E 141 -43.84 39.48 13.90
N THR E 142 -44.54 38.36 13.90
CA THR E 142 -44.00 37.07 13.48
C THR E 142 -44.61 36.70 12.14
N ALA E 143 -43.79 36.55 11.10
CA ALA E 143 -44.25 36.24 9.77
C ALA E 143 -43.73 34.88 9.36
N ALA E 144 -44.52 34.17 8.55
CA ALA E 144 -44.19 32.81 8.13
C ALA E 144 -44.01 32.78 6.61
N LEU E 145 -42.89 32.20 6.16
CA LEU E 145 -42.65 32.00 4.73
C LEU E 145 -41.84 30.72 4.54
N GLY E 146 -41.98 30.11 3.37
CA GLY E 146 -41.22 28.89 3.16
C GLY E 146 -41.06 28.49 1.71
N CYS E 147 -40.53 27.28 1.52
CA CYS E 147 -40.31 26.65 0.23
C CYS E 147 -40.93 25.26 0.24
N LEU E 148 -41.39 24.83 -0.94
CA LEU E 148 -42.01 23.52 -1.12
C LEU E 148 -41.22 22.77 -2.20
N VAL E 149 -40.59 21.67 -1.81
CA VAL E 149 -39.81 20.84 -2.73
C VAL E 149 -40.62 19.58 -3.01
N LYS E 150 -41.11 19.45 -4.23
CA LYS E 150 -42.10 18.45 -4.59
C LYS E 150 -41.56 17.50 -5.66
N ASP E 151 -41.96 16.23 -5.53
CA ASP E 151 -41.76 15.18 -6.53
C ASP E 151 -40.29 15.01 -6.90
N TYR E 152 -39.52 14.57 -5.91
CA TYR E 152 -38.13 14.24 -6.12
C TYR E 152 -37.88 12.84 -5.57
N PHE E 153 -36.90 12.16 -6.16
CA PHE E 153 -36.51 10.81 -5.80
C PHE E 153 -35.10 10.61 -6.32
N PRO E 154 -34.21 9.94 -5.59
CA PRO E 154 -34.37 9.43 -4.23
C PRO E 154 -33.81 10.41 -3.22
N GLU E 155 -33.84 10.05 -1.95
CA GLU E 155 -33.20 10.83 -0.92
C GLU E 155 -31.68 10.81 -1.12
N PRO E 156 -30.95 11.80 -0.59
CA PRO E 156 -31.39 12.95 0.20
C PRO E 156 -31.47 14.28 -0.54
N VAL E 157 -32.08 15.27 0.10
CA VAL E 157 -32.13 16.64 -0.39
C VAL E 157 -31.70 17.57 0.73
N THR E 158 -30.81 18.50 0.41
CA THR E 158 -30.32 19.48 1.37
C THR E 158 -30.96 20.83 1.08
N VAL E 159 -31.48 21.49 2.12
CA VAL E 159 -32.17 22.77 1.99
C VAL E 159 -31.57 23.76 2.98
N SER E 160 -30.64 24.60 2.50
CA SER E 160 -30.15 25.74 3.27
C SER E 160 -31.00 26.97 2.96
N TRP E 161 -30.76 28.05 3.72
CA TRP E 161 -31.47 29.31 3.52
C TRP E 161 -30.50 30.47 3.40
N ASN E 162 -30.63 31.24 2.32
CA ASN E 162 -29.83 32.44 2.08
C ASN E 162 -28.34 32.13 2.15
N SER E 163 -27.95 31.05 1.48
CA SER E 163 -26.56 30.59 1.45
C SER E 163 -26.01 30.41 2.86
N GLY E 164 -26.80 29.73 3.70
CA GLY E 164 -26.41 29.34 5.03
C GLY E 164 -26.61 30.37 6.13
N ALA E 165 -26.66 31.65 5.79
CA ALA E 165 -26.67 32.69 6.82
C ALA E 165 -27.96 32.64 7.65
N LEU E 166 -29.11 32.62 6.98
CA LEU E 166 -30.40 32.60 7.67
C LEU E 166 -30.65 31.21 8.24
N THR E 167 -30.50 31.05 9.56
CA THR E 167 -30.69 29.75 10.19
C THR E 167 -31.68 29.82 11.34
N SER E 168 -31.69 30.95 12.05
CA SER E 168 -32.55 31.11 13.22
C SER E 168 -34.02 30.97 12.85
N GLY E 169 -34.71 30.05 13.53
CA GLY E 169 -36.13 29.88 13.34
C GLY E 169 -36.53 29.21 12.05
N VAL E 170 -35.63 28.45 11.42
CA VAL E 170 -35.95 27.68 10.24
C VAL E 170 -36.28 26.25 10.67
N HIS E 171 -37.36 25.72 10.09
CA HIS E 171 -37.89 24.39 10.39
C HIS E 171 -38.07 23.66 9.06
N THR E 172 -36.97 23.10 8.56
CA THR E 172 -37.04 22.16 7.45
C THR E 172 -37.72 20.88 7.92
N PHE E 173 -38.96 20.67 7.48
CA PHE E 173 -39.71 19.50 7.92
C PHE E 173 -39.15 18.25 7.25
N PRO E 174 -39.34 17.08 7.87
CA PRO E 174 -38.92 15.83 7.21
C PRO E 174 -39.68 15.62 5.90
N ALA E 175 -39.18 14.68 5.12
CA ALA E 175 -39.79 14.36 3.84
C ALA E 175 -40.90 13.34 4.03
N VAL E 176 -41.81 13.29 3.07
CA VAL E 176 -42.83 12.26 3.02
C VAL E 176 -42.74 11.56 1.68
N LEU E 177 -42.78 10.24 1.70
CA LEU E 177 -42.89 9.46 0.48
C LEU E 177 -44.35 9.49 0.08
N GLN E 178 -44.69 10.45 -0.77
CA GLN E 178 -46.08 10.56 -1.23
C GLN E 178 -46.48 9.25 -1.89
N SER E 179 -47.73 8.85 -1.65
CA SER E 179 -48.23 7.59 -2.18
C SER E 179 -47.90 7.40 -3.66
N SER E 180 -47.71 8.49 -4.40
CA SER E 180 -47.24 8.39 -5.77
C SER E 180 -45.92 7.64 -5.86
N GLY E 181 -45.06 7.76 -4.85
CA GLY E 181 -43.74 7.17 -4.88
C GLY E 181 -42.62 8.17 -5.01
N LEU E 182 -42.92 9.46 -4.97
CA LEU E 182 -41.93 10.52 -5.01
C LEU E 182 -41.82 11.14 -3.62
N TYR E 183 -40.65 11.68 -3.31
CA TYR E 183 -40.44 12.32 -2.02
C TYR E 183 -40.94 13.76 -2.09
N SER E 184 -41.31 14.31 -0.93
CA SER E 184 -41.76 15.69 -0.86
C SER E 184 -41.47 16.28 0.51
N LEU E 185 -41.04 17.55 0.54
CA LEU E 185 -40.75 18.20 1.80
C LEU E 185 -41.12 19.68 1.71
N SER E 186 -41.02 20.34 2.86
CA SER E 186 -41.42 21.75 3.02
C SER E 186 -40.60 22.37 4.13
N SER E 187 -39.84 23.40 3.81
CA SER E 187 -39.03 24.11 4.81
C SER E 187 -39.58 25.52 5.04
N VAL E 188 -39.77 25.90 6.29
CA VAL E 188 -40.32 27.22 6.59
C VAL E 188 -39.38 27.96 7.54
N VAL E 189 -39.58 29.27 7.65
CA VAL E 189 -38.79 30.08 8.57
C VAL E 189 -39.60 31.26 9.09
N THR E 190 -39.74 31.34 10.41
CA THR E 190 -40.41 32.49 11.01
C THR E 190 -39.44 33.67 10.91
N VAL E 191 -39.83 34.67 10.14
CA VAL E 191 -39.02 35.83 9.81
C VAL E 191 -39.74 37.05 10.35
N PRO E 192 -39.04 38.11 10.75
CA PRO E 192 -39.74 39.29 11.25
C PRO E 192 -40.66 39.85 10.17
N SER E 193 -41.87 40.23 10.57
CA SER E 193 -42.80 40.85 9.64
C SER E 193 -42.26 42.18 9.15
N SER E 194 -41.59 42.92 10.04
CA SER E 194 -40.94 44.16 9.63
C SER E 194 -39.97 43.94 8.47
N SER E 195 -39.26 42.80 8.48
CA SER E 195 -38.34 42.51 7.39
C SER E 195 -39.07 42.42 6.05
N LEU E 196 -40.28 41.86 6.06
CA LEU E 196 -41.17 41.83 4.89
C LEU E 196 -40.44 41.45 3.62
N GLY E 197 -40.27 42.43 2.72
CA GLY E 197 -39.43 42.24 1.55
C GLY E 197 -38.18 43.08 1.61
N THR E 198 -37.90 43.73 2.73
CA THR E 198 -36.68 44.50 2.89
C THR E 198 -35.46 43.58 3.00
N GLN E 199 -35.59 42.49 3.75
CA GLN E 199 -34.56 41.47 3.81
C GLN E 199 -34.83 40.44 2.71
N THR E 200 -33.81 40.17 1.90
CA THR E 200 -33.97 39.18 0.85
C THR E 200 -34.08 37.79 1.46
N TYR E 201 -34.81 36.92 0.76
CA TYR E 201 -35.13 35.58 1.24
C TYR E 201 -35.08 34.58 0.09
N ILE E 202 -34.05 33.75 0.04
CA ILE E 202 -33.88 32.76 -1.00
C ILE E 202 -33.52 31.42 -0.35
N CYS E 203 -34.28 30.38 -0.68
CA CYS E 203 -33.97 29.04 -0.19
C CYS E 203 -33.16 28.27 -1.22
N ASN E 204 -32.08 27.66 -0.71
CA ASN E 204 -31.13 26.92 -1.58
C ASN E 204 -31.35 25.42 -1.45
N VAL E 205 -31.98 24.80 -2.44
CA VAL E 205 -32.21 23.37 -2.49
C VAL E 205 -31.15 22.71 -3.36
N ASN E 206 -30.68 21.55 -2.92
CA ASN E 206 -29.73 20.73 -3.64
C ASN E 206 -30.18 19.29 -3.58
N HIS E 207 -30.11 18.62 -4.74
CA HIS E 207 -30.44 17.20 -4.88
C HIS E 207 -29.21 16.60 -5.55
N LYS E 208 -28.20 16.32 -4.73
CA LYS E 208 -26.94 15.69 -5.12
C LYS E 208 -27.17 14.35 -5.81
N PRO E 209 -28.17 13.54 -5.41
CA PRO E 209 -28.48 12.34 -6.21
C PRO E 209 -28.85 12.64 -7.65
N SER E 210 -29.53 13.74 -7.94
CA SER E 210 -29.84 14.09 -9.32
C SER E 210 -28.99 15.24 -9.85
N ASN E 211 -28.04 15.75 -9.06
CA ASN E 211 -27.18 16.86 -9.46
C ASN E 211 -28.02 18.10 -9.84
N THR E 212 -29.11 18.31 -9.11
CA THR E 212 -29.98 19.45 -9.38
C THR E 212 -29.76 20.53 -8.34
N LYS E 213 -29.77 21.79 -8.78
CA LYS E 213 -29.49 22.95 -7.94
C LYS E 213 -30.56 23.99 -8.21
N VAL E 214 -31.38 24.29 -7.19
CA VAL E 214 -32.48 25.23 -7.34
C VAL E 214 -32.50 26.19 -6.15
N ASP E 215 -32.32 27.48 -6.42
CA ASP E 215 -32.33 28.51 -5.37
C ASP E 215 -33.48 29.48 -5.62
N LYS E 216 -34.62 29.23 -4.96
CA LYS E 216 -35.86 29.96 -5.23
C LYS E 216 -36.08 31.13 -4.27
N LYS E 217 -36.57 32.24 -4.82
CA LYS E 217 -36.85 33.45 -4.05
C LYS E 217 -38.28 33.46 -3.53
N VAL E 218 -38.45 33.79 -2.26
CA VAL E 218 -39.76 33.90 -1.61
C VAL E 218 -40.06 35.38 -1.44
N GLU E 219 -41.21 35.81 -1.96
CA GLU E 219 -41.57 37.22 -1.94
C GLU E 219 -43.03 37.40 -1.58
N PRO E 220 -43.39 38.56 -1.00
CA PRO E 220 -44.76 38.77 -0.51
C PRO E 220 -45.82 38.56 -1.57
N LYS E 221 -46.96 38.02 -1.14
CA LYS E 221 -48.10 37.80 -2.00
C LYS E 221 -49.09 38.96 -1.91
N THR F 5 -32.53 -6.86 24.73
CA THR F 5 -33.67 -5.95 24.71
C THR F 5 -33.37 -4.65 25.45
N GLN F 6 -34.15 -3.63 25.17
CA GLN F 6 -34.11 -2.38 25.92
C GLN F 6 -35.46 -2.18 26.58
N SER F 7 -35.43 -1.43 27.68
CA SER F 7 -36.65 -1.16 28.42
C SER F 7 -36.45 0.12 29.22
N PRO F 8 -37.37 1.08 29.12
CA PRO F 8 -38.66 1.01 28.42
C PRO F 8 -38.51 1.22 26.93
N SER F 9 -39.54 0.82 26.17
CA SER F 9 -39.54 1.05 24.73
C SER F 9 -39.57 2.54 24.40
N SER F 10 -40.33 3.32 25.17
CA SER F 10 -40.46 4.76 24.94
C SER F 10 -40.93 5.43 26.22
N LEU F 11 -40.54 6.69 26.39
CA LEU F 11 -40.80 7.40 27.65
C LEU F 11 -40.79 8.92 27.47
N SER F 12 -41.61 9.60 28.28
CA SER F 12 -41.70 11.05 28.34
C SER F 12 -41.67 11.52 29.80
N ALA F 13 -40.61 12.23 30.19
CA ALA F 13 -40.53 12.93 31.47
C ALA F 13 -40.56 14.44 31.25
N SER F 14 -40.32 15.20 32.32
CA SER F 14 -40.25 16.66 32.26
C SER F 14 -38.85 17.12 32.66
N VAL F 15 -38.65 18.44 32.65
CA VAL F 15 -37.32 19.00 32.88
C VAL F 15 -36.88 18.75 34.31
N GLY F 16 -35.64 18.28 34.47
CA GLY F 16 -35.04 17.97 35.74
C GLY F 16 -35.17 16.54 36.22
N ASP F 17 -36.21 15.83 35.79
CA ASP F 17 -36.45 14.46 36.24
C ASP F 17 -35.31 13.52 35.87
N ARG F 18 -34.73 12.87 36.88
CA ARG F 18 -33.76 11.81 36.63
C ARG F 18 -34.42 10.63 35.92
N VAL F 19 -33.72 10.06 34.95
CA VAL F 19 -34.28 9.00 34.11
C VAL F 19 -33.25 7.89 33.91
N THR F 20 -33.69 6.64 33.99
CA THR F 20 -32.78 5.50 33.88
C THR F 20 -33.38 4.45 32.96
N ILE F 21 -32.64 4.11 31.90
CA ILE F 21 -32.97 3.02 31.00
C ILE F 21 -32.19 1.80 31.45
N THR F 22 -32.75 0.62 31.22
CA THR F 22 -32.07 -0.61 31.54
C THR F 22 -32.01 -1.50 30.31
N CYS F 23 -30.87 -2.18 30.16
CA CYS F 23 -30.52 -3.01 29.03
C CYS F 23 -30.18 -4.41 29.56
N ARG F 24 -30.68 -5.43 28.86
CA ARG F 24 -30.45 -6.81 29.24
C ARG F 24 -29.29 -7.39 28.46
N ALA F 25 -28.48 -8.20 29.14
CA ALA F 25 -27.32 -8.88 28.56
C ALA F 25 -27.32 -10.34 29.00
N SER F 26 -28.39 -11.06 28.67
CA SER F 26 -28.54 -12.46 29.05
C SER F 26 -27.30 -13.28 28.71
N GLN F 27 -26.66 -12.98 27.58
CA GLN F 27 -25.30 -13.49 27.36
C GLN F 27 -24.37 -12.67 28.25
N ALA F 28 -23.79 -13.31 29.26
CA ALA F 28 -22.89 -12.62 30.15
C ALA F 28 -21.63 -12.22 29.41
N ALA F 29 -21.66 -11.08 28.72
CA ALA F 29 -20.50 -10.58 28.01
C ALA F 29 -19.81 -9.50 28.86
N TYR F 30 -19.26 -9.96 29.98
CA TYR F 30 -18.23 -9.28 30.75
C TYR F 30 -18.38 -7.77 30.88
N GLY F 31 -19.61 -7.26 30.98
CA GLY F 31 -19.75 -5.83 31.16
C GLY F 31 -19.11 -5.01 30.05
N ARG F 32 -19.23 -5.46 28.81
CA ARG F 32 -18.73 -4.70 27.68
C ARG F 32 -19.75 -3.67 27.19
N VAL F 33 -20.87 -3.53 27.91
CA VAL F 33 -21.96 -2.71 27.41
C VAL F 33 -21.50 -1.26 27.27
N ALA F 34 -22.09 -0.57 26.30
CA ALA F 34 -21.86 0.84 26.06
C ALA F 34 -23.20 1.48 25.73
N TRP F 35 -23.25 2.80 25.84
CA TRP F 35 -24.44 3.57 25.48
C TRP F 35 -24.11 4.67 24.50
N TYR F 36 -25.00 4.81 23.50
CA TYR F 36 -24.89 5.78 22.42
C TYR F 36 -26.16 6.63 22.38
N GLN F 37 -25.99 7.87 21.90
CA GLN F 37 -27.04 8.89 21.83
C GLN F 37 -27.25 9.31 20.37
N GLN F 38 -28.47 9.09 19.84
CA GLN F 38 -28.81 9.43 18.46
C GLN F 38 -29.79 10.61 18.48
N LYS F 39 -29.28 11.79 18.18
CA LYS F 39 -30.09 13.00 18.00
C LYS F 39 -30.85 12.93 16.67
N PRO F 40 -31.85 13.82 16.48
CA PRO F 40 -32.65 13.80 15.25
C PRO F 40 -31.84 13.70 13.96
N GLY F 41 -31.96 12.58 13.27
CA GLY F 41 -31.33 12.34 11.99
C GLY F 41 -29.88 12.78 11.87
N LYS F 42 -29.07 12.37 12.84
CA LYS F 42 -27.68 12.78 12.91
C LYS F 42 -26.83 11.55 13.22
N ALA F 43 -25.56 11.80 13.61
CA ALA F 43 -24.56 10.77 13.85
C ALA F 43 -24.65 10.27 15.29
N PRO F 44 -24.74 8.96 15.50
CA PRO F 44 -24.71 8.42 16.87
C PRO F 44 -23.42 8.76 17.59
N LYS F 45 -23.54 9.47 18.71
CA LYS F 45 -22.41 9.77 19.59
C LYS F 45 -22.40 8.81 20.77
N LEU F 46 -21.20 8.49 21.26
CA LEU F 46 -21.06 7.57 22.38
C LEU F 46 -21.09 8.32 23.68
N LEU F 47 -21.73 7.72 24.69
CA LEU F 47 -21.80 8.35 26.00
C LEU F 47 -21.15 7.54 27.11
N ILE F 48 -21.31 6.22 27.13
CA ILE F 48 -20.79 5.43 28.25
C ILE F 48 -20.05 4.21 27.73
N TYR F 49 -18.80 4.02 28.17
CA TYR F 49 -18.02 2.83 27.83
C TYR F 49 -17.61 2.08 29.11
N LYS F 50 -17.21 0.82 28.94
CA LYS F 50 -16.93 -0.11 30.04
C LYS F 50 -18.11 -0.22 30.99
N ALA F 51 -19.30 0.13 30.50
CA ALA F 51 -20.57 0.02 31.22
C ALA F 51 -20.65 1.00 32.38
N SER F 52 -19.52 1.66 32.72
CA SER F 52 -19.55 2.76 33.67
C SER F 52 -18.66 3.95 33.31
N GLU F 53 -17.59 3.77 32.55
CA GLU F 53 -16.71 4.89 32.21
C GLU F 53 -17.45 5.86 31.27
N LEU F 54 -17.01 7.11 31.28
CA LEU F 54 -17.68 8.20 30.57
C LEU F 54 -16.73 8.84 29.57
N TYR F 55 -17.20 9.06 28.34
CA TYR F 55 -16.36 9.69 27.33
C TYR F 55 -16.06 11.14 27.70
N ALA F 56 -14.92 11.63 27.21
CA ALA F 56 -14.56 13.02 27.46
C ALA F 56 -15.58 13.95 26.82
N GLY F 57 -15.96 14.99 27.56
CA GLY F 57 -16.98 15.92 27.13
C GLY F 57 -18.40 15.54 27.52
N VAL F 58 -18.68 14.24 27.65
CA VAL F 58 -20.05 13.82 27.98
C VAL F 58 -20.44 14.40 29.33
N PRO F 59 -21.64 14.96 29.49
CA PRO F 59 -21.99 15.63 30.74
C PRO F 59 -21.98 14.69 31.93
N SER F 60 -21.63 15.24 33.10
CA SER F 60 -21.62 14.46 34.34
C SER F 60 -22.98 13.85 34.66
N ARG F 61 -24.06 14.44 34.17
CA ARG F 61 -25.39 13.90 34.46
C ARG F 61 -25.57 12.50 33.89
N PHE F 62 -24.72 12.10 32.93
CA PHE F 62 -24.76 10.75 32.38
C PHE F 62 -23.90 9.81 33.20
N SER F 63 -24.41 8.60 33.43
CA SER F 63 -23.68 7.62 34.23
C SER F 63 -24.29 6.25 34.00
N GLY F 64 -23.53 5.20 34.29
CA GLY F 64 -24.02 3.84 34.18
C GLY F 64 -23.72 3.01 35.40
N SER F 65 -24.50 1.93 35.55
CA SER F 65 -24.26 0.93 36.59
C SER F 65 -24.76 -0.41 36.08
N ARG F 66 -24.39 -1.48 36.78
CA ARG F 66 -24.65 -2.84 36.31
C ARG F 66 -25.08 -3.71 37.48
N SER F 67 -26.30 -4.24 37.40
CA SER F 67 -26.81 -5.19 38.40
C SER F 67 -26.68 -6.63 37.92
N GLY F 68 -25.45 -7.04 37.58
CA GLY F 68 -25.21 -8.37 37.07
C GLY F 68 -25.43 -8.57 35.57
N THR F 69 -26.68 -8.80 35.17
CA THR F 69 -27.03 -8.89 33.76
C THR F 69 -27.90 -7.72 33.31
N ASP F 70 -28.05 -6.72 34.17
CA ASP F 70 -28.95 -5.58 33.95
C ASP F 70 -28.15 -4.30 34.02
N PHE F 71 -27.79 -3.75 32.86
CA PHE F 71 -27.02 -2.50 32.81
C PHE F 71 -27.96 -1.32 32.67
N THR F 72 -27.75 -0.27 33.44
CA THR F 72 -28.64 0.88 33.38
C THR F 72 -27.83 2.14 33.08
N LEU F 73 -28.46 3.00 32.29
CA LEU F 73 -27.97 4.34 31.97
C LEU F 73 -28.85 5.34 32.71
N THR F 74 -28.20 6.24 33.44
CA THR F 74 -28.85 7.16 34.35
C THR F 74 -28.49 8.59 33.96
N ILE F 75 -29.52 9.41 33.82
CA ILE F 75 -29.39 10.84 33.57
C ILE F 75 -29.91 11.53 34.82
N SER F 76 -29.06 12.34 35.44
CA SER F 76 -29.42 12.94 36.72
C SER F 76 -30.42 14.08 36.54
N SER F 77 -30.03 15.14 35.83
CA SER F 77 -30.92 16.28 35.55
C SER F 77 -31.29 16.27 34.07
N LEU F 78 -32.47 15.73 33.74
CA LEU F 78 -32.90 15.79 32.35
C LEU F 78 -33.03 17.22 31.87
N GLN F 79 -32.14 17.65 30.99
CA GLN F 79 -32.26 18.98 30.44
C GLN F 79 -32.70 18.88 28.98
N PRO F 80 -33.36 19.89 28.44
CA PRO F 80 -33.96 19.74 27.10
C PRO F 80 -32.96 19.40 26.02
N GLU F 81 -31.69 19.78 26.18
CA GLU F 81 -30.69 19.42 25.17
C GLU F 81 -30.61 17.91 24.98
N ASP F 82 -30.89 17.14 26.04
CA ASP F 82 -30.73 15.69 25.99
C ASP F 82 -31.96 15.01 25.41
N PHE F 83 -32.54 15.57 24.36
CA PHE F 83 -33.67 14.94 23.68
C PHE F 83 -33.16 14.11 22.51
N ALA F 84 -33.37 12.80 22.56
CA ALA F 84 -32.81 11.90 21.55
C ALA F 84 -33.39 10.50 21.74
N THR F 85 -32.87 9.56 20.96
CA THR F 85 -33.13 8.14 21.18
C THR F 85 -31.82 7.47 21.57
N TYR F 86 -31.86 6.67 22.64
CA TYR F 86 -30.67 6.07 23.22
C TYR F 86 -30.62 4.57 22.99
N TYR F 87 -29.42 4.07 22.65
CA TYR F 87 -29.20 2.65 22.37
C TYR F 87 -28.10 2.10 23.26
N CYS F 88 -28.20 0.80 23.57
CA CYS F 88 -27.19 0.07 24.34
C CYS F 88 -26.58 -1.05 23.51
N GLN F 89 -25.26 -1.15 23.57
CA GLN F 89 -24.46 -2.07 22.77
C GLN F 89 -23.76 -3.08 23.66
N GLN F 90 -24.09 -4.37 23.53
CA GLN F 90 -23.48 -5.37 24.39
C GLN F 90 -22.03 -5.68 24.01
N ARG F 91 -21.66 -5.52 22.73
CA ARG F 91 -20.29 -5.75 22.24
C ARG F 91 -19.78 -7.17 22.51
N GLY F 92 -18.48 -7.36 22.28
CA GLY F 92 -17.90 -8.71 22.38
C GLY F 92 -17.33 -9.12 21.04
N TRP F 93 -16.13 -9.72 21.06
CA TRP F 93 -15.61 -10.30 19.83
C TRP F 93 -16.70 -11.14 19.19
N TYR F 94 -17.03 -10.82 17.93
CA TYR F 94 -18.06 -11.53 17.17
C TYR F 94 -19.47 -11.21 17.67
N LEU F 95 -19.64 -10.14 18.46
CA LEU F 95 -20.93 -9.89 19.09
C LEU F 95 -21.17 -8.39 19.17
N PHE F 96 -22.34 -7.93 18.73
CA PHE F 96 -22.71 -6.53 18.95
C PHE F 96 -23.99 -6.38 19.76
N THR F 97 -25.12 -6.92 19.31
CA THR F 97 -26.37 -6.89 20.06
C THR F 97 -26.79 -5.44 20.40
N PHE F 98 -27.20 -4.72 19.37
CA PHE F 98 -27.65 -3.36 19.63
C PHE F 98 -29.03 -3.41 20.27
N GLY F 99 -29.29 -2.41 21.12
CA GLY F 99 -30.53 -2.39 21.86
C GLY F 99 -31.73 -1.98 21.03
N GLN F 100 -32.90 -2.25 21.60
CA GLN F 100 -34.16 -1.96 20.93
C GLN F 100 -34.25 -0.49 20.58
N GLY F 101 -33.73 0.36 21.46
CA GLY F 101 -33.78 1.79 21.30
C GLY F 101 -34.84 2.36 22.21
N THR F 102 -34.57 3.52 22.80
CA THR F 102 -35.51 4.14 23.72
C THR F 102 -35.68 5.60 23.30
N LYS F 103 -36.88 5.94 22.83
CA LYS F 103 -37.19 7.32 22.49
C LYS F 103 -37.39 8.13 23.76
N VAL F 104 -36.68 9.25 23.87
CA VAL F 104 -36.79 10.11 25.04
C VAL F 104 -37.46 11.43 24.70
N GLU F 105 -38.77 11.50 24.84
CA GLU F 105 -39.51 12.76 24.71
C GLU F 105 -39.54 13.47 26.06
N ILE F 106 -39.86 14.76 26.03
CA ILE F 106 -39.92 15.58 27.25
C ILE F 106 -41.19 16.43 27.27
N LYS F 107 -41.83 16.48 28.44
CA LYS F 107 -43.06 17.26 28.63
C LYS F 107 -42.74 18.75 28.69
N ARG F 108 -43.54 19.56 28.01
CA ARG F 108 -43.25 20.98 27.83
C ARG F 108 -44.48 21.85 28.07
N THR F 109 -45.19 21.63 29.17
CA THR F 109 -46.20 22.59 29.64
C THR F 109 -47.17 23.01 28.54
N VAL F 110 -48.12 22.13 28.22
CA VAL F 110 -48.91 22.10 26.99
C VAL F 110 -49.23 23.48 26.44
N ALA F 111 -48.93 23.69 25.16
CA ALA F 111 -49.08 24.99 24.52
C ALA F 111 -49.90 24.86 23.25
N ALA F 112 -50.61 25.95 22.91
CA ALA F 112 -51.41 25.99 21.69
C ALA F 112 -50.52 26.25 20.48
N PRO F 113 -50.79 25.59 19.36
CA PRO F 113 -50.00 25.81 18.15
C PRO F 113 -50.23 27.19 17.56
N SER F 114 -49.22 27.65 16.82
CA SER F 114 -49.26 28.91 16.08
C SER F 114 -49.55 28.60 14.61
N VAL F 115 -50.85 28.40 14.32
CA VAL F 115 -51.27 27.87 13.03
C VAL F 115 -51.11 28.91 11.91
N PHE F 116 -50.79 28.41 10.72
CA PHE F 116 -50.68 29.21 9.50
C PHE F 116 -51.25 28.43 8.32
N ILE F 117 -51.54 29.13 7.23
CA ILE F 117 -52.06 28.54 6.01
C ILE F 117 -51.33 29.15 4.82
N PHE F 118 -50.96 28.30 3.86
CA PHE F 118 -50.30 28.74 2.64
C PHE F 118 -51.04 28.15 1.45
N PRO F 119 -51.59 28.97 0.56
CA PRO F 119 -52.30 28.43 -0.59
C PRO F 119 -51.32 27.93 -1.64
N PRO F 120 -51.80 27.19 -2.64
CA PRO F 120 -50.91 26.83 -3.76
C PRO F 120 -50.41 28.07 -4.47
N SER F 121 -49.15 28.03 -4.87
CA SER F 121 -48.56 29.13 -5.61
C SER F 121 -49.10 29.17 -7.03
N ASP F 122 -49.15 30.39 -7.60
CA ASP F 122 -49.56 30.53 -8.99
C ASP F 122 -48.73 29.69 -9.95
N GLU F 123 -47.44 29.52 -9.65
CA GLU F 123 -46.61 28.61 -10.44
C GLU F 123 -46.99 27.15 -10.22
N GLN F 124 -47.30 26.79 -8.98
CA GLN F 124 -47.73 25.42 -8.70
C GLN F 124 -49.07 25.17 -9.39
N LEU F 125 -50.00 26.12 -9.28
CA LEU F 125 -51.26 26.02 -10.02
C LEU F 125 -50.99 25.90 -11.50
N LYS F 126 -49.99 26.63 -11.99
CA LYS F 126 -49.60 26.56 -13.40
C LYS F 126 -49.06 25.18 -13.76
N SER F 127 -48.47 24.46 -12.79
CA SER F 127 -47.99 23.12 -13.07
C SER F 127 -49.11 22.11 -13.23
N GLY F 128 -50.35 22.47 -12.90
CA GLY F 128 -51.46 21.53 -12.93
C GLY F 128 -51.78 20.89 -11.60
N THR F 129 -51.16 21.33 -10.51
CA THR F 129 -51.38 20.76 -9.19
C THR F 129 -51.35 21.87 -8.15
N ALA F 130 -52.27 21.79 -7.19
CA ALA F 130 -52.43 22.76 -6.12
C ALA F 130 -52.10 22.11 -4.79
N SER F 131 -51.31 22.80 -3.97
CA SER F 131 -50.97 22.32 -2.63
C SER F 131 -51.25 23.41 -1.62
N VAL F 132 -52.16 23.15 -0.69
CA VAL F 132 -52.45 24.04 0.41
C VAL F 132 -51.70 23.47 1.61
N VAL F 133 -51.11 24.35 2.40
CA VAL F 133 -50.23 23.96 3.48
C VAL F 133 -50.78 24.53 4.78
N CYS F 134 -50.55 23.82 5.88
CA CYS F 134 -50.99 24.26 7.20
C CYS F 134 -49.85 24.01 8.17
N LEU F 135 -49.40 25.09 8.82
CA LEU F 135 -48.24 25.09 9.70
C LEU F 135 -48.71 25.15 11.14
N LEU F 136 -48.10 24.34 12.01
CA LEU F 136 -48.40 24.32 13.44
C LEU F 136 -47.09 24.45 14.18
N ASN F 137 -46.76 25.62 14.71
CA ASN F 137 -45.45 25.82 15.31
C ASN F 137 -45.58 25.97 16.82
N ASN F 138 -44.55 25.53 17.56
CA ASN F 138 -44.46 25.74 19.00
C ASN F 138 -45.71 25.28 19.73
N PHE F 139 -45.96 23.98 19.65
CA PHE F 139 -47.12 23.38 20.30
C PHE F 139 -46.71 22.10 21.02
N TYR F 140 -47.48 21.76 22.05
CA TYR F 140 -47.32 20.51 22.77
C TYR F 140 -48.71 20.08 23.23
N PRO F 141 -48.97 18.78 23.32
CA PRO F 141 -48.06 17.68 23.00
C PRO F 141 -48.01 17.47 21.49
N ARG F 142 -47.39 16.41 20.99
CA ARG F 142 -47.29 16.24 19.55
C ARG F 142 -48.56 15.67 18.92
N GLU F 143 -49.44 15.06 19.70
CA GLU F 143 -50.64 14.39 19.21
C GLU F 143 -51.72 15.44 18.94
N ALA F 144 -51.82 15.87 17.67
CA ALA F 144 -52.72 16.95 17.27
C ALA F 144 -53.48 16.56 16.01
N LYS F 145 -54.70 16.01 16.18
CA LYS F 145 -55.46 15.58 15.00
C LYS F 145 -55.77 16.79 14.12
N VAL F 146 -55.03 16.92 13.01
CA VAL F 146 -55.25 18.00 12.06
C VAL F 146 -56.30 17.57 11.05
N SER F 147 -57.25 18.46 10.77
CA SER F 147 -58.38 18.24 9.89
C SER F 147 -58.40 19.33 8.83
N TRP F 148 -58.82 18.97 7.61
CA TRP F 148 -58.92 19.92 6.50
C TRP F 148 -60.38 20.01 6.06
N TYR F 149 -60.80 21.21 5.66
CA TYR F 149 -62.20 21.46 5.29
C TYR F 149 -62.25 22.39 4.08
N VAL F 150 -62.53 21.84 2.91
CA VAL F 150 -62.70 22.64 1.69
C VAL F 150 -64.17 23.04 1.57
N ASP F 151 -64.46 24.33 1.80
CA ASP F 151 -65.84 24.80 1.95
C ASP F 151 -66.56 23.97 3.01
N ASN F 152 -65.91 23.85 4.17
CA ASN F 152 -66.43 23.09 5.30
C ASN F 152 -66.68 21.63 4.90
N ALA F 153 -65.69 21.03 4.24
CA ALA F 153 -65.76 19.61 3.87
C ALA F 153 -64.51 18.89 4.33
N LEU F 154 -64.69 17.94 5.25
CA LEU F 154 -63.58 17.16 5.78
C LEU F 154 -62.82 16.47 4.65
N GLN F 155 -61.50 16.47 4.73
CA GLN F 155 -60.65 15.99 3.65
C GLN F 155 -59.97 14.69 4.08
N SER F 156 -60.07 13.67 3.24
CA SER F 156 -59.43 12.39 3.48
C SER F 156 -58.47 12.06 2.34
N GLY F 157 -57.56 11.13 2.63
CA GLY F 157 -56.62 10.62 1.64
C GLY F 157 -55.86 11.66 0.85
N ASN F 158 -55.91 12.92 1.26
CA ASN F 158 -55.14 13.99 0.62
C ASN F 158 -54.24 14.75 1.60
N SER F 159 -54.15 14.31 2.84
CA SER F 159 -53.39 15.05 3.85
C SER F 159 -52.14 14.27 4.19
N GLN F 160 -50.99 14.90 3.94
CA GLN F 160 -49.71 14.32 4.34
C GLN F 160 -49.12 15.20 5.43
N GLU F 161 -48.85 14.59 6.58
CA GLU F 161 -48.36 15.31 7.76
C GLU F 161 -46.88 15.00 7.98
N SER F 162 -46.15 16.01 8.48
CA SER F 162 -44.75 15.83 8.82
C SER F 162 -44.41 16.70 10.03
N VAL F 163 -43.68 16.15 10.99
CA VAL F 163 -43.40 16.79 12.28
C VAL F 163 -41.91 16.81 12.56
N THR F 164 -41.44 17.93 13.13
CA THR F 164 -40.04 18.05 13.53
C THR F 164 -39.83 17.30 14.83
N GLU F 165 -38.64 17.45 15.40
CA GLU F 165 -38.30 16.91 16.71
C GLU F 165 -38.34 18.04 17.73
N GLN F 166 -38.53 17.67 18.99
CA GLN F 166 -38.60 18.68 20.05
C GLN F 166 -37.45 19.65 19.92
N ASP F 167 -37.79 20.93 19.73
CA ASP F 167 -36.77 21.94 19.62
C ASP F 167 -35.97 22.00 20.91
N SER F 168 -34.66 22.24 20.77
CA SER F 168 -33.78 22.23 21.93
C SER F 168 -34.20 23.26 22.98
N LYS F 169 -34.79 24.37 22.55
CA LYS F 169 -35.10 25.44 23.48
C LYS F 169 -36.50 25.32 24.09
N ASP F 170 -37.54 25.39 23.25
CA ASP F 170 -38.90 25.36 23.76
C ASP F 170 -39.38 23.94 24.04
N SER F 171 -38.76 22.94 23.43
CA SER F 171 -39.12 21.54 23.60
C SER F 171 -40.55 21.28 23.14
N THR F 172 -41.02 22.10 22.22
CA THR F 172 -42.28 21.92 21.52
C THR F 172 -41.99 21.51 20.08
N TYR F 173 -43.01 21.00 19.42
CA TYR F 173 -42.85 20.47 18.09
C TYR F 173 -43.33 21.48 17.04
N SER F 174 -43.33 21.04 15.79
CA SER F 174 -43.87 21.78 14.67
C SER F 174 -44.38 20.76 13.67
N LEU F 175 -45.61 20.98 13.19
CA LEU F 175 -46.31 20.07 12.32
C LEU F 175 -46.64 20.78 11.02
N SER F 176 -46.77 20.00 9.96
CA SER F 176 -47.05 20.57 8.65
C SER F 176 -47.93 19.56 7.92
N SER F 177 -49.18 19.95 7.70
CA SER F 177 -50.11 19.10 6.96
C SER F 177 -50.36 19.72 5.60
N THR F 178 -50.38 18.88 4.57
CA THR F 178 -50.53 19.35 3.20
C THR F 178 -51.78 18.74 2.60
N LEU F 179 -52.71 19.61 2.21
CA LEU F 179 -53.89 19.33 1.39
C LEU F 179 -53.48 19.46 -0.07
N THR F 180 -53.37 18.34 -0.76
CA THR F 180 -52.91 18.35 -2.14
C THR F 180 -54.02 17.88 -3.07
N LEU F 181 -54.19 18.59 -4.18
CA LEU F 181 -55.23 18.34 -5.16
C LEU F 181 -54.79 18.96 -6.47
N SER F 182 -55.62 18.82 -7.51
CA SER F 182 -55.32 19.44 -8.80
C SER F 182 -55.76 20.90 -8.81
N LYS F 183 -55.18 21.68 -9.73
CA LYS F 183 -55.51 23.10 -9.81
C LYS F 183 -57.00 23.34 -10.07
N ALA F 184 -57.70 22.37 -10.66
CA ALA F 184 -59.13 22.52 -10.90
C ALA F 184 -59.91 22.64 -9.61
N ASP F 185 -59.71 21.70 -8.70
CA ASP F 185 -60.42 21.71 -7.43
C ASP F 185 -59.99 22.86 -6.54
N TYR F 186 -58.89 23.53 -6.85
CA TYR F 186 -58.56 24.76 -6.14
C TYR F 186 -59.31 25.96 -6.69
N GLU F 187 -59.43 26.07 -8.02
CA GLU F 187 -60.23 27.18 -8.52
C GLU F 187 -61.74 26.93 -8.46
N LYS F 188 -62.18 25.72 -8.15
CA LYS F 188 -63.60 25.43 -8.00
C LYS F 188 -64.14 25.63 -6.59
N HIS F 189 -63.30 25.95 -5.61
CA HIS F 189 -63.71 26.04 -4.22
C HIS F 189 -63.11 27.29 -3.59
N LYS F 190 -63.76 27.80 -2.54
CA LYS F 190 -63.33 29.04 -1.89
C LYS F 190 -62.77 28.84 -0.49
N VAL F 191 -63.53 28.25 0.43
CA VAL F 191 -63.08 28.15 1.82
C VAL F 191 -62.13 26.97 1.98
N TYR F 192 -60.93 27.24 2.47
CA TYR F 192 -59.95 26.22 2.80
C TYR F 192 -59.60 26.41 4.27
N ALA F 193 -60.17 25.55 5.11
CA ALA F 193 -60.00 25.56 6.56
C ALA F 193 -59.07 24.44 6.99
N CYS F 194 -58.33 24.70 8.06
CA CYS F 194 -57.44 23.71 8.65
C CYS F 194 -57.63 23.82 10.16
N GLU F 195 -58.29 22.82 10.74
CA GLU F 195 -58.55 22.74 12.16
C GLU F 195 -57.52 21.81 12.78
N VAL F 196 -57.16 22.09 14.03
CA VAL F 196 -56.28 21.22 14.78
C VAL F 196 -56.98 20.97 16.11
N THR F 197 -57.45 19.75 16.31
CA THR F 197 -57.97 19.27 17.59
C THR F 197 -56.77 18.81 18.41
N GLN F 198 -56.36 19.64 19.35
CA GLN F 198 -55.25 19.40 20.27
C GLN F 198 -55.82 19.43 21.68
N GLY F 199 -56.15 18.27 22.22
CA GLY F 199 -56.69 18.21 23.57
C GLY F 199 -57.89 19.13 23.73
N THR F 200 -57.77 20.05 24.68
CA THR F 200 -58.80 21.06 24.95
C THR F 200 -58.64 22.32 24.11
N THR F 201 -58.08 22.22 22.91
CA THR F 201 -57.84 23.39 22.06
C THR F 201 -58.10 23.03 20.60
N SER F 202 -59.21 23.52 20.04
CA SER F 202 -59.59 23.22 18.67
C SER F 202 -59.29 24.40 17.73
N VAL F 203 -58.00 24.70 17.55
CA VAL F 203 -57.65 25.90 16.78
C VAL F 203 -57.96 25.68 15.31
N THR F 204 -58.19 26.77 14.57
CA THR F 204 -58.47 26.64 13.15
C THR F 204 -58.02 27.89 12.41
N LYS F 205 -57.48 27.71 11.21
CA LYS F 205 -57.14 28.85 10.37
C LYS F 205 -57.54 28.51 8.94
N SER F 206 -58.00 29.51 8.19
CA SER F 206 -58.56 29.24 6.88
C SER F 206 -58.25 30.40 5.94
N PHE F 207 -58.67 30.24 4.69
CA PHE F 207 -58.56 31.32 3.74
C PHE F 207 -59.66 31.16 2.70
N ASN F 208 -59.85 32.21 1.91
CA ASN F 208 -60.83 32.21 0.84
C ASN F 208 -60.04 32.29 -0.46
N ARG F 209 -60.24 31.29 -1.32
CA ARG F 209 -59.45 31.25 -2.59
C ARG F 209 -59.48 32.64 -3.20
N GLY F 210 -60.55 33.39 -2.93
CA GLY F 210 -60.67 34.76 -3.47
C GLY F 210 -59.65 35.68 -2.82
N GLU F 211 -59.62 35.70 -1.48
CA GLU F 211 -58.67 36.58 -0.75
C GLU F 211 -57.37 36.65 -1.54
N CYS F 212 -56.86 35.50 -1.97
CA CYS F 212 -55.62 35.47 -2.79
C CYS F 212 -55.65 36.64 -3.79
C1 NAG G . -1.04 -28.77 17.69
C2 NAG G . -2.41 -29.27 18.16
C3 NAG G . -2.64 -30.72 17.70
C4 NAG G . -1.59 -31.65 18.28
C5 NAG G . -0.29 -30.89 18.54
C6 NAG G . 0.94 -31.77 18.50
C7 NAG G . -3.10 -28.14 20.24
C8 NAG G . -3.53 -26.99 19.39
N2 NAG G . -2.57 -29.19 19.60
O3 NAG G . -2.60 -30.75 16.28
O4 NAG G . -2.06 -32.17 19.53
O5 NAG G . -0.13 -29.89 17.53
O6 NAG G . 1.09 -32.37 17.22
O7 NAG G . -3.22 -28.11 21.47
C1 NAG G . -2.44 -33.57 19.43
C2 NAG G . -1.41 -34.38 20.19
C3 NAG G . -1.53 -34.13 21.68
C4 NAG G . -2.93 -34.45 22.18
C5 NAG G . -4.04 -33.81 21.34
C6 NAG G . -4.31 -32.37 21.73
C7 NAG G . -1.03 -36.35 18.78
C8 NAG G . -1.21 -37.83 18.62
N2 NAG G . -1.52 -35.81 19.90
O3 NAG G . -1.21 -32.77 21.96
O4 NAG G . -3.14 -35.86 22.22
O5 NAG G . -3.78 -33.85 19.93
O6 NAG G . -5.11 -32.30 22.90
O7 NAG G . -0.44 -35.66 17.94
C1 NAG H . 17.82 7.13 26.43
C2 NAG H . 19.31 7.35 25.97
C3 NAG H . 20.32 7.70 27.12
C4 NAG H . 19.88 7.31 28.53
C5 NAG H . 18.59 6.53 28.49
C6 NAG H . 17.97 6.28 29.83
C7 NAG H . 19.74 6.20 23.85
C8 NAG H . 19.29 7.47 23.19
N2 NAG H . 19.77 6.21 25.19
O3 NAG H . 20.62 9.09 27.07
O4 NAG H . 20.91 6.64 29.26
O5 NAG H . 17.69 7.35 27.76
O6 NAG H . 18.26 4.97 30.29
O7 NAG H . 20.11 5.23 23.21
C1 NAG H . 21.18 7.37 30.50
C2 NAG H . 22.67 7.33 30.90
C3 NAG H . 22.97 8.25 32.09
C4 NAG H . 22.44 9.66 31.84
C5 NAG H . 20.96 9.60 31.45
C6 NAG H . 20.39 10.93 31.04
C7 NAG H . 22.85 5.09 32.05
C8 NAG H . 21.75 5.45 33.01
N2 NAG H . 23.19 5.99 31.11
O3 NAG H . 24.38 8.23 32.29
O4 NAG H . 22.55 10.57 32.95
O5 NAG H . 20.75 8.71 30.33
O6 NAG H . 19.24 11.23 31.81
O7 NAG H . 23.41 3.98 32.10
C1 BMA H . 23.52 10.41 34.02
C2 BMA H . 24.92 10.93 33.62
C3 BMA H . 25.87 10.65 34.79
C4 BMA H . 25.36 11.23 36.12
C5 BMA H . 23.87 10.89 36.38
C6 BMA H . 23.27 11.71 37.52
O2 BMA H . 24.91 12.35 33.43
O3 BMA H . 27.17 11.12 34.53
O4 BMA H . 26.13 10.70 37.17
O5 BMA H . 23.10 11.13 35.19
O6 BMA H . 24.00 11.46 38.71
#